data_9KY2
#
_entry.id   9KY2
#
_cell.length_a   1.00
_cell.length_b   1.00
_cell.length_c   1.00
_cell.angle_alpha   90.00
_cell.angle_beta   90.00
_cell.angle_gamma   90.00
#
_symmetry.space_group_name_H-M   'P 1'
#
loop_
_entity.id
_entity.type
_entity.pdbx_description
1 polymer Beta-arrestin-2
2 polymer 'Fab30 Heavy Chain'
3 polymer 'Fab30 Light Chain'
4 polymer 'C5a anaphylatoxin chemotactic receptor 1'
#
loop_
_entity_poly.entity_id
_entity_poly.type
_entity_poly.pdbx_seq_one_letter_code
_entity_poly.pdbx_strand_id
1 'polypeptide(L)'
;MGEKPGTRVFKKSSPNGKLTVYLGKRDFVDHLDKVDPVDGVVLVDPDYLKDRKVFVTLTVAFRYGREDCDVLGLSFRKDL
FIANYQAFPPTPNPPRPPTRLQERLLRKLGQHAHPFFFTIPQNLPSSVTLQPGPEDTGKALGVDFEIRAFVAKSLEEKSH
KRNSVRLVIRKVQFAPEKPGPQPSAETTRHFLMSDRSLHLEASLDKELYYHGEPLNVNVHVTNNSTKTVKKIKVSVRQYA
DIVLFSTAQYKVPVAQVEQDDQVSPSSTFSKVYTITPFLANNREKRGLALDGKLKHEDTNLASSTIVKEGANKEVLGILV
SYRVKVKLVVSRGGDVSVELPFVLMHPKPHDHIALPRPQSAATHPPTLLPSAVPETDAPVDTNLIEFETNYATDDDIVFE
DFARLRLKGLKDEDYDDQFC
;
A,F
2 'polypeptide(L)'
;EISEVQLVESGGGLVQPGGSLRLSCAASGFNVYSSSIHWVRQAPGKGLEWVASISSYYGYTYYADSVKGRFTISADTSKN
TAYLQMNSLRAEDTAVYYCARSRQFWYSGLDYWGQGTLVTVSSASTKGPSVFPLAPSSKSTSGGTAALGCLVKDYFPEPV
TVSWNSGALTSGVHTFPAVLQSSGLYSLSSVVTVPSSSLGTQTYICNVNHKPSNTKVDKKVEPKSCDKTHHHHHHHH
;
B,D
3 'polypeptide(L)'
;SDIQMTQSPSSLSASVGDRVTITCRASQSVSSAVAWYQQKPGKAPKLLIYSASSLYSGVPSRFSGSRSGTDFTLTISSLQ
PEDFATYYCQQYKYVPVTFGQGTKVEIKRTVAAPSVFIFPPSDSQLKSGTASVVCLLNNFYPREAKVQWKVDNALQSGNS
QESVTEQDSKDSTYSLSSTLTLSKADYEKHKVYACEVTHQGLSSPVTKSFNRGEC
;
C,E
4 'polypeptide(L)' GGGDSK(TPO)F(TPO)P(SEP)(TPO)(TPO)D(TPO)(SEP)TRKSQAV V,U
#
# COMPACT_ATOMS: atom_id res chain seq x y z
N THR A 7 -15.38 33.39 -9.42
CA THR A 7 -14.28 32.56 -8.95
C THR A 7 -14.79 31.27 -8.32
N ARG A 8 -13.95 30.24 -8.31
CA ARG A 8 -14.35 28.94 -7.79
C ARG A 8 -13.14 28.27 -7.15
N VAL A 9 -13.42 27.32 -6.27
CA VAL A 9 -12.39 26.62 -5.49
C VAL A 9 -12.74 25.14 -5.44
N PHE A 10 -11.73 24.30 -5.59
CA PHE A 10 -11.92 22.86 -5.47
C PHE A 10 -12.22 22.49 -4.02
N LYS A 11 -12.93 21.38 -3.85
CA LYS A 11 -13.38 20.98 -2.52
C LYS A 11 -13.49 19.47 -2.45
N LYS A 12 -12.70 18.85 -1.59
CA LYS A 12 -12.81 17.43 -1.28
C LYS A 12 -12.96 17.27 0.22
N SER A 13 -13.82 16.34 0.63
CA SER A 13 -14.16 16.15 2.02
C SER A 13 -13.69 14.78 2.51
N SER A 14 -13.62 14.65 3.83
CA SER A 14 -13.26 13.39 4.45
C SER A 14 -14.35 12.35 4.22
N PRO A 15 -14.01 11.06 4.23
CA PRO A 15 -15.04 10.03 4.09
C PRO A 15 -16.14 10.11 5.13
N ASN A 16 -15.83 10.53 6.35
CA ASN A 16 -16.86 10.78 7.35
C ASN A 16 -17.39 12.20 7.32
N GLY A 17 -16.83 13.06 6.49
CA GLY A 17 -17.32 14.42 6.32
C GLY A 17 -16.89 15.42 7.37
N LYS A 18 -16.04 15.02 8.31
CA LYS A 18 -15.58 15.92 9.36
C LYS A 18 -14.35 16.73 8.96
N LEU A 19 -13.83 16.53 7.75
CA LEU A 19 -12.65 17.24 7.29
C LEU A 19 -12.81 17.57 5.82
N THR A 20 -12.47 18.81 5.44
CA THR A 20 -12.63 19.28 4.07
C THR A 20 -11.43 20.12 3.69
N VAL A 21 -10.98 19.96 2.44
CA VAL A 21 -9.85 20.72 1.90
C VAL A 21 -10.34 21.57 0.75
N TYR A 22 -9.90 22.83 0.71
CA TYR A 22 -10.25 23.76 -0.35
C TYR A 22 -8.96 24.22 -1.02
N LEU A 23 -8.84 23.97 -2.32
CA LEU A 23 -7.70 24.43 -3.11
C LEU A 23 -8.20 25.24 -4.30
N GLY A 24 -7.63 26.43 -4.48
CA GLY A 24 -7.98 27.22 -5.65
C GLY A 24 -7.57 26.57 -6.94
N LYS A 25 -6.42 25.88 -6.93
CA LYS A 25 -5.87 25.26 -8.13
C LYS A 25 -5.59 23.78 -7.87
N ARG A 26 -5.52 23.02 -8.96
CA ARG A 26 -4.96 21.68 -8.94
C ARG A 26 -3.65 21.58 -9.70
N ASP A 27 -3.35 22.56 -10.55
CA ASP A 27 -2.09 22.63 -11.29
C ASP A 27 -1.33 23.85 -10.82
N PHE A 28 -0.03 23.69 -10.57
CA PHE A 28 0.82 24.77 -10.09
C PHE A 28 2.00 24.92 -11.04
N VAL A 29 2.20 26.13 -11.54
CA VAL A 29 3.12 26.38 -12.65
C VAL A 29 4.48 26.76 -12.10
N ASP A 30 5.52 26.13 -12.63
CA ASP A 30 6.90 26.54 -12.37
C ASP A 30 7.29 27.64 -13.35
N HIS A 31 7.79 28.75 -12.82
CA HIS A 31 8.15 29.90 -13.63
C HIS A 31 9.64 30.02 -13.86
N LEU A 32 10.42 28.97 -13.56
CA LEU A 32 11.87 28.88 -13.70
C LEU A 32 12.61 29.78 -12.72
N ASP A 33 11.90 30.57 -11.93
CA ASP A 33 12.47 31.26 -10.78
C ASP A 33 11.59 31.16 -9.54
N LYS A 34 10.33 30.74 -9.71
CA LYS A 34 9.40 30.53 -8.61
C LYS A 34 8.39 29.48 -9.06
N VAL A 35 7.74 28.87 -8.07
CA VAL A 35 6.64 27.96 -8.33
C VAL A 35 5.38 28.56 -7.70
N ASP A 36 4.23 28.27 -8.29
CA ASP A 36 2.98 28.79 -7.78
C ASP A 36 2.77 28.29 -6.35
N PRO A 37 2.61 29.18 -5.37
CA PRO A 37 2.49 28.72 -3.98
C PRO A 37 1.21 27.95 -3.76
N VAL A 38 1.31 26.89 -2.96
CA VAL A 38 0.17 26.03 -2.65
C VAL A 38 -0.42 26.54 -1.35
N ASP A 39 -1.49 27.31 -1.44
CA ASP A 39 -2.19 27.83 -0.27
C ASP A 39 -3.67 27.49 -0.37
N GLY A 40 -4.20 26.86 0.67
CA GLY A 40 -5.59 26.46 0.68
C GLY A 40 -6.25 26.67 2.03
N VAL A 41 -7.45 26.11 2.20
CA VAL A 41 -8.21 26.25 3.43
C VAL A 41 -8.71 24.87 3.84
N VAL A 42 -8.61 24.57 5.13
CA VAL A 42 -9.07 23.30 5.68
C VAL A 42 -10.19 23.61 6.68
N LEU A 43 -11.35 22.99 6.47
CA LEU A 43 -12.48 23.13 7.38
C LEU A 43 -12.57 21.90 8.26
N VAL A 44 -12.57 22.11 9.57
CA VAL A 44 -12.54 21.01 10.53
C VAL A 44 -13.80 21.03 11.37
N ASP A 45 -13.95 20.03 12.24
CA ASP A 45 -15.05 19.95 13.21
C ASP A 45 -14.40 19.90 14.59
N PRO A 46 -14.23 21.05 15.25
CA PRO A 46 -13.47 21.06 16.51
C PRO A 46 -14.08 20.20 17.61
N ASP A 47 -15.40 20.00 17.59
CA ASP A 47 -16.00 19.11 18.58
C ASP A 47 -15.74 17.65 18.23
N TYR A 48 -15.68 17.31 16.94
CA TYR A 48 -15.35 15.95 16.55
C TYR A 48 -13.93 15.58 16.97
N LEU A 49 -12.98 16.48 16.75
CA LEU A 49 -11.60 16.28 17.18
C LEU A 49 -11.51 16.73 18.64
N LYS A 50 -11.71 15.78 19.55
CA LYS A 50 -11.72 16.11 20.97
C LYS A 50 -10.36 16.60 21.44
N ASP A 51 -9.29 15.91 21.04
CA ASP A 51 -7.95 16.29 21.48
C ASP A 51 -6.92 16.17 20.36
N ARG A 52 -7.35 16.08 19.10
CA ARG A 52 -6.44 15.82 18.00
C ARG A 52 -6.11 17.11 17.25
N LYS A 53 -5.07 17.04 16.45
CA LYS A 53 -4.63 18.15 15.60
C LYS A 53 -4.83 17.78 14.14
N VAL A 54 -4.81 18.79 13.28
CA VAL A 54 -5.04 18.61 11.85
C VAL A 54 -3.75 19.01 11.12
N PHE A 55 -3.18 18.07 10.37
CA PHE A 55 -1.97 18.28 9.62
C PHE A 55 -2.25 18.09 8.14
N VAL A 56 -1.65 18.93 7.31
CA VAL A 56 -1.68 18.80 5.86
C VAL A 56 -0.24 18.62 5.37
N THR A 57 -0.04 17.68 4.46
CA THR A 57 1.28 17.37 3.96
C THR A 57 1.34 17.61 2.46
N LEU A 58 2.42 18.23 2.00
CA LEU A 58 2.73 18.37 0.58
C LEU A 58 3.82 17.37 0.25
N THR A 59 3.42 16.20 -0.24
CA THR A 59 4.34 15.13 -0.56
C THR A 59 4.48 14.98 -2.07
N VAL A 60 5.73 14.94 -2.53
CA VAL A 60 6.06 14.56 -3.91
C VAL A 60 7.04 13.40 -3.86
N ALA A 61 6.74 12.34 -4.60
CA ALA A 61 7.50 11.11 -4.50
C ALA A 61 7.67 10.47 -5.87
N PHE A 62 8.88 9.98 -6.13
CA PHE A 62 9.12 9.09 -7.24
C PHE A 62 8.60 7.71 -6.86
N ARG A 63 7.60 7.23 -7.59
CA ARG A 63 6.90 6.02 -7.22
C ARG A 63 6.83 5.07 -8.41
N TYR A 64 6.97 3.77 -8.11
CA TYR A 64 6.75 2.71 -9.09
C TYR A 64 5.67 1.78 -8.57
N GLY A 65 4.77 1.37 -9.45
CA GLY A 65 3.63 0.60 -9.07
C GLY A 65 2.36 1.44 -9.04
N ARG A 66 1.23 0.76 -9.23
CA ARG A 66 -0.06 1.44 -9.27
C ARG A 66 -0.50 1.84 -7.86
N GLU A 67 -1.66 2.50 -7.79
CA GLU A 67 -2.07 3.18 -6.56
C GLU A 67 -2.77 2.28 -5.56
N ASP A 68 -3.08 1.03 -5.92
CA ASP A 68 -3.80 0.15 -5.00
C ASP A 68 -2.82 -0.40 -3.96
N CYS A 69 -3.31 -1.30 -3.11
CA CYS A 69 -2.50 -1.89 -2.05
C CYS A 69 -1.96 -3.26 -2.42
N ASP A 70 -2.71 -4.06 -3.17
CA ASP A 70 -2.28 -5.40 -3.55
C ASP A 70 -1.48 -5.32 -4.85
N VAL A 71 -0.25 -4.81 -4.73
CA VAL A 71 0.66 -4.69 -5.86
C VAL A 71 1.49 -5.96 -5.91
N LEU A 72 1.08 -6.89 -6.77
CA LEU A 72 1.78 -8.17 -6.93
C LEU A 72 3.08 -7.93 -7.68
N GLY A 73 4.19 -7.86 -6.95
CA GLY A 73 5.49 -7.65 -7.53
C GLY A 73 6.24 -6.57 -6.80
N LEU A 74 7.26 -6.04 -7.48
CA LEU A 74 8.12 -5.02 -6.87
C LEU A 74 7.40 -3.68 -6.79
N SER A 75 7.85 -2.86 -5.84
CA SER A 75 7.37 -1.50 -5.70
C SER A 75 8.50 -0.65 -5.15
N PHE A 76 8.40 0.66 -5.36
CA PHE A 76 9.45 1.56 -4.92
C PHE A 76 8.86 2.96 -4.75
N ARG A 77 9.24 3.62 -3.67
CA ARG A 77 8.82 4.99 -3.40
C ARG A 77 10.02 5.77 -2.88
N LYS A 78 10.06 7.06 -3.23
CA LYS A 78 11.14 7.93 -2.78
C LYS A 78 10.61 9.34 -2.69
N ASP A 79 10.42 9.83 -1.47
CA ASP A 79 9.90 11.19 -1.26
C ASP A 79 10.94 12.21 -1.73
N LEU A 80 10.65 12.86 -2.85
CA LEU A 80 11.58 13.88 -3.35
C LEU A 80 11.51 15.16 -2.53
N PHE A 81 10.38 15.42 -1.88
CA PHE A 81 10.23 16.60 -1.02
C PHE A 81 9.03 16.38 -0.12
N ILE A 82 9.19 16.70 1.16
CA ILE A 82 8.13 16.54 2.16
C ILE A 82 7.96 17.87 2.88
N ALA A 83 6.72 18.33 2.98
CA ALA A 83 6.38 19.53 3.74
C ALA A 83 5.20 19.22 4.64
N ASN A 84 5.22 19.76 5.85
CA ASN A 84 4.17 19.52 6.83
C ASN A 84 3.67 20.85 7.37
N TYR A 85 2.35 20.96 7.52
CA TYR A 85 1.73 22.15 8.07
C TYR A 85 0.68 21.74 9.09
N GLN A 86 0.72 22.37 10.26
CA GLN A 86 -0.27 22.13 11.30
C GLN A 86 -1.38 23.16 11.11
N ALA A 87 -2.46 22.75 10.44
CA ALA A 87 -3.55 23.67 10.15
C ALA A 87 -4.33 24.03 11.42
N PHE A 88 -4.64 23.02 12.23
CA PHE A 88 -5.37 23.22 13.48
C PHE A 88 -4.70 22.42 14.57
N PRO A 89 -4.29 23.04 15.69
CA PRO A 89 -4.36 24.48 16.00
C PRO A 89 -3.44 25.30 15.11
N PRO A 90 -3.85 26.52 14.76
CA PRO A 90 -3.06 27.32 13.81
C PRO A 90 -1.66 27.60 14.34
N THR A 91 -0.70 27.61 13.41
CA THR A 91 0.68 27.90 13.78
C THR A 91 0.78 29.35 14.28
N PRO A 92 1.57 29.59 15.33
CA PRO A 92 1.68 30.97 15.84
C PRO A 92 2.22 31.96 14.83
N ASN A 93 3.12 31.53 13.94
CA ASN A 93 3.73 32.41 12.93
C ASN A 93 3.59 31.74 11.57
N PRO A 94 2.40 31.78 10.97
CA PRO A 94 2.21 31.14 9.67
C PRO A 94 3.03 31.83 8.60
N PRO A 95 3.49 31.10 7.59
CA PRO A 95 4.22 31.72 6.48
C PRO A 95 3.26 32.44 5.55
N ARG A 96 3.58 33.71 5.25
CA ARG A 96 2.82 34.58 4.36
C ARG A 96 1.47 34.95 4.95
N PRO A 97 0.98 36.17 4.72
CA PRO A 97 -0.41 36.47 5.06
C PRO A 97 -1.35 35.72 4.13
N PRO A 98 -2.55 35.39 4.58
CA PRO A 98 -3.49 34.68 3.70
C PRO A 98 -3.81 35.48 2.45
N THR A 99 -3.89 34.78 1.32
CA THR A 99 -4.16 35.43 0.05
C THR A 99 -5.61 35.88 -0.01
N ARG A 100 -5.97 36.55 -1.10
CA ARG A 100 -7.33 37.04 -1.27
C ARG A 100 -8.34 35.91 -1.30
N LEU A 101 -8.02 34.84 -2.05
CA LEU A 101 -8.92 33.70 -2.13
C LEU A 101 -9.04 33.00 -0.78
N GLN A 102 -7.94 32.88 -0.05
CA GLN A 102 -8.00 32.27 1.28
C GLN A 102 -8.82 33.12 2.24
N GLU A 103 -8.68 34.45 2.17
CA GLU A 103 -9.49 35.32 3.01
C GLU A 103 -10.97 35.18 2.69
N ARG A 104 -11.31 35.13 1.40
CA ARG A 104 -12.70 34.95 1.01
C ARG A 104 -13.23 33.60 1.48
N LEU A 105 -12.42 32.55 1.36
CA LEU A 105 -12.84 31.23 1.81
C LEU A 105 -13.06 31.20 3.32
N LEU A 106 -12.17 31.85 4.08
CA LEU A 106 -12.34 31.90 5.52
C LEU A 106 -13.60 32.66 5.90
N ARG A 107 -13.83 33.81 5.27
CA ARG A 107 -15.02 34.59 5.57
C ARG A 107 -16.29 33.91 5.09
N LYS A 108 -16.18 32.96 4.16
CA LYS A 108 -17.35 32.21 3.72
C LYS A 108 -17.63 31.02 4.62
N LEU A 109 -16.59 30.35 5.08
CA LEU A 109 -16.77 29.09 5.80
C LEU A 109 -16.84 29.26 7.32
N GLY A 110 -16.36 30.36 7.86
CA GLY A 110 -16.51 30.64 9.27
C GLY A 110 -15.26 30.36 10.09
N GLN A 111 -15.48 30.17 11.39
CA GLN A 111 -14.39 30.03 12.34
C GLN A 111 -13.71 28.67 12.27
N HIS A 112 -14.44 27.63 11.85
CA HIS A 112 -13.89 26.28 11.82
C HIS A 112 -13.14 25.98 10.53
N ALA A 113 -12.68 27.01 9.83
CA ALA A 113 -11.87 26.87 8.63
C ALA A 113 -10.53 27.56 8.87
N HIS A 114 -9.44 26.88 8.52
CA HIS A 114 -8.12 27.43 8.74
C HIS A 114 -7.26 27.28 7.49
N PRO A 115 -6.40 28.25 7.22
CA PRO A 115 -5.56 28.17 6.02
C PRO A 115 -4.34 27.29 6.22
N PHE A 116 -3.80 26.82 5.10
CA PHE A 116 -2.50 26.17 5.08
C PHE A 116 -1.70 26.71 3.90
N PHE A 117 -0.38 26.75 4.08
CA PHE A 117 0.51 27.33 3.08
C PHE A 117 1.65 26.36 2.80
N PHE A 118 1.95 26.18 1.52
CA PHE A 118 3.06 25.33 1.09
C PHE A 118 3.89 26.06 0.04
N THR A 119 5.19 25.79 0.05
CA THR A 119 6.11 26.33 -0.94
C THR A 119 6.83 25.17 -1.61
N ILE A 120 6.76 25.10 -2.93
CA ILE A 120 7.41 24.05 -3.70
C ILE A 120 8.81 24.54 -4.07
N PRO A 121 9.87 23.81 -3.75
CA PRO A 121 11.22 24.27 -4.08
C PRO A 121 11.45 24.29 -5.59
N GLN A 122 12.44 25.10 -5.98
CA GLN A 122 12.66 25.40 -7.39
C GLN A 122 13.24 24.23 -8.17
N ASN A 123 13.87 23.27 -7.50
CA ASN A 123 14.59 22.18 -8.16
C ASN A 123 13.81 20.86 -8.12
N LEU A 124 12.49 20.93 -8.25
CA LEU A 124 11.67 19.73 -8.23
C LEU A 124 11.22 19.34 -9.63
N PRO A 125 10.97 18.05 -9.88
CA PRO A 125 10.46 17.65 -11.20
C PRO A 125 9.00 18.01 -11.37
N SER A 126 8.55 17.95 -12.62
CA SER A 126 7.14 18.11 -12.93
C SER A 126 6.42 16.78 -12.81
N SER A 127 5.09 16.84 -12.79
CA SER A 127 4.27 15.65 -12.70
C SER A 127 4.33 14.89 -14.02
N VAL A 128 5.04 13.75 -14.03
CA VAL A 128 5.21 12.94 -15.22
C VAL A 128 4.85 11.51 -14.88
N THR A 129 4.59 10.72 -15.92
CA THR A 129 4.20 9.32 -15.76
C THR A 129 4.72 8.53 -16.95
N LEU A 130 5.42 7.44 -16.67
CA LEU A 130 5.88 6.55 -17.72
C LEU A 130 4.79 5.55 -18.07
N GLN A 131 4.57 5.34 -19.36
CA GLN A 131 3.45 4.50 -19.80
C GLN A 131 3.72 3.04 -19.43
N PRO A 132 2.78 2.38 -18.76
CA PRO A 132 2.96 0.96 -18.45
C PRO A 132 2.99 0.12 -19.72
N GLY A 133 3.77 -0.95 -19.69
CA GLY A 133 3.84 -1.88 -20.79
C GLY A 133 2.60 -2.75 -20.86
N PRO A 134 2.35 -3.34 -22.04
CA PRO A 134 1.20 -4.24 -22.17
C PRO A 134 1.25 -5.41 -21.20
N GLU A 135 2.44 -5.97 -20.96
CA GLU A 135 2.57 -7.04 -19.99
C GLU A 135 2.53 -6.53 -18.56
N ASP A 136 3.03 -5.32 -18.33
CA ASP A 136 3.03 -4.73 -16.99
C ASP A 136 1.59 -4.50 -16.54
N THR A 137 1.29 -4.90 -15.30
CA THR A 137 -0.08 -4.82 -14.78
C THR A 137 -0.30 -3.46 -14.12
N GLY A 138 -0.39 -2.43 -14.98
CA GLY A 138 -0.67 -1.09 -14.54
C GLY A 138 0.42 -0.39 -13.77
N LYS A 139 1.46 -1.11 -13.33
CA LYS A 139 2.54 -0.48 -12.60
C LYS A 139 3.32 0.45 -13.51
N ALA A 140 3.67 1.62 -12.99
CA ALA A 140 4.30 2.65 -13.82
C ALA A 140 5.13 3.57 -12.95
N LEU A 141 6.30 3.94 -13.46
CA LEU A 141 7.12 4.96 -12.84
C LEU A 141 6.48 6.33 -13.04
N GLY A 142 6.68 7.22 -12.08
CA GLY A 142 6.15 8.56 -12.21
C GLY A 142 6.33 9.44 -11.00
N VAL A 143 6.54 10.73 -11.22
CA VAL A 143 6.62 11.71 -10.15
C VAL A 143 5.23 12.26 -9.89
N ASP A 144 4.77 12.15 -8.65
CA ASP A 144 3.41 12.52 -8.28
C ASP A 144 3.44 13.52 -7.13
N PHE A 145 2.68 14.60 -7.27
CA PHE A 145 2.46 15.55 -6.19
C PHE A 145 1.12 15.24 -5.54
N GLU A 146 1.04 15.45 -4.22
CA GLU A 146 -0.19 15.15 -3.51
C GLU A 146 -0.29 16.04 -2.27
N ILE A 147 -1.52 16.22 -1.82
CA ILE A 147 -1.82 16.91 -0.57
C ILE A 147 -2.76 16.03 0.23
N ARG A 148 -2.37 15.70 1.47
CA ARG A 148 -3.17 14.89 2.35
C ARG A 148 -3.45 15.67 3.63
N ALA A 149 -4.73 15.78 3.99
CA ALA A 149 -5.15 16.36 5.25
C ALA A 149 -5.69 15.26 6.15
N PHE A 150 -5.20 15.21 7.38
CA PHE A 150 -5.58 14.15 8.30
C PHE A 150 -5.60 14.71 9.71
N VAL A 151 -6.45 14.14 10.56
CA VAL A 151 -6.49 14.48 11.97
C VAL A 151 -5.69 13.44 12.74
N ALA A 152 -4.83 13.90 13.65
CA ALA A 152 -3.97 13.00 14.40
C ALA A 152 -3.46 13.73 15.63
N LYS A 153 -2.93 12.94 16.57
CA LYS A 153 -2.32 13.53 17.76
C LYS A 153 -1.00 14.21 17.42
N SER A 154 -0.26 13.69 16.45
CA SER A 154 1.00 14.27 16.03
C SER A 154 1.30 13.77 14.62
N LEU A 155 2.38 14.30 14.05
CA LEU A 155 2.78 13.89 12.69
C LEU A 155 3.14 12.41 12.64
N GLU A 156 3.84 11.92 13.66
CA GLU A 156 4.29 10.53 13.65
C GLU A 156 3.14 9.54 13.75
N GLU A 157 1.98 9.96 14.25
CA GLU A 157 0.83 9.08 14.31
C GLU A 157 0.34 8.75 12.91
N LYS A 158 -0.02 7.48 12.70
CA LYS A 158 -0.48 7.04 11.39
C LYS A 158 -1.85 7.65 11.07
N SER A 159 -2.01 8.08 9.82
CA SER A 159 -3.27 8.64 9.38
C SER A 159 -4.27 7.52 9.07
N HIS A 160 -5.54 7.83 9.28
CA HIS A 160 -6.63 6.88 9.08
C HIS A 160 -7.47 7.31 7.90
N LYS A 161 -7.95 6.32 7.12
CA LYS A 161 -8.68 6.63 5.89
C LYS A 161 -9.97 7.38 6.18
N ARG A 162 -10.64 7.05 7.29
CA ARG A 162 -11.96 7.62 7.57
C ARG A 162 -11.89 9.14 7.73
N ASN A 163 -10.84 9.64 8.39
CA ASN A 163 -10.74 11.06 8.72
C ASN A 163 -9.62 11.75 7.98
N SER A 164 -9.14 11.18 6.88
CA SER A 164 -8.13 11.80 6.05
C SER A 164 -8.63 11.91 4.61
N VAL A 165 -8.21 12.98 3.94
CA VAL A 165 -8.60 13.24 2.57
C VAL A 165 -7.35 13.57 1.76
N ARG A 166 -7.23 12.97 0.58
CA ARG A 166 -6.10 13.16 -0.30
C ARG A 166 -6.54 13.89 -1.57
N LEU A 167 -5.73 14.84 -2.01
CA LEU A 167 -6.00 15.60 -3.23
C LEU A 167 -4.73 15.69 -4.05
N VAL A 168 -4.72 14.97 -5.17
CA VAL A 168 -3.55 14.98 -6.06
C VAL A 168 -3.46 16.34 -6.76
N ILE A 169 -2.30 16.98 -6.66
CA ILE A 169 -2.02 18.20 -7.38
C ILE A 169 -0.92 17.90 -8.40
N ARG A 170 -0.67 18.87 -9.27
CA ARG A 170 0.32 18.70 -10.33
C ARG A 170 1.18 19.94 -10.44
N LYS A 171 2.47 19.72 -10.71
CA LYS A 171 3.38 20.79 -11.10
C LYS A 171 3.56 20.75 -12.61
N VAL A 172 3.30 21.88 -13.26
CA VAL A 172 3.27 21.94 -14.71
C VAL A 172 4.15 23.08 -15.18
N GLN A 173 4.54 23.02 -16.46
CA GLN A 173 5.30 24.06 -17.12
C GLN A 173 4.70 24.33 -18.48
N PHE A 174 4.88 25.56 -18.95
CA PHE A 174 4.31 26.00 -20.22
C PHE A 174 5.39 26.63 -21.08
N ALA A 175 5.10 26.72 -22.37
CA ALA A 175 6.09 27.17 -23.34
C ALA A 175 6.57 28.58 -23.01
N PRO A 176 7.88 28.82 -22.93
CA PRO A 176 8.38 30.18 -22.72
C PRO A 176 7.97 31.09 -23.86
N GLU A 177 7.72 32.36 -23.51
CA GLU A 177 7.30 33.33 -24.52
C GLU A 177 8.41 33.60 -25.53
N LYS A 178 9.66 33.69 -25.07
CA LYS A 178 10.77 33.99 -25.95
C LYS A 178 11.14 32.75 -26.77
N PRO A 179 11.10 32.83 -28.09
CA PRO A 179 11.48 31.67 -28.91
C PRO A 179 12.98 31.40 -28.83
N GLY A 180 13.34 30.14 -29.04
CA GLY A 180 14.72 29.73 -29.02
C GLY A 180 15.35 29.72 -30.39
N PRO A 181 16.64 29.40 -30.47
CA PRO A 181 17.31 29.33 -31.77
C PRO A 181 16.80 28.17 -32.60
N GLN A 182 16.75 28.38 -33.90
CA GLN A 182 16.23 27.35 -34.81
C GLN A 182 17.17 26.16 -34.83
N PRO A 183 16.65 24.93 -34.72
CA PRO A 183 17.52 23.75 -34.77
C PRO A 183 18.22 23.62 -36.11
N SER A 184 19.44 23.11 -36.06
CA SER A 184 20.25 22.88 -37.26
C SER A 184 21.36 21.90 -36.92
N ALA A 185 21.60 20.94 -37.80
CA ALA A 185 22.61 19.93 -37.56
C ALA A 185 23.28 19.53 -38.88
N GLU A 186 24.58 19.27 -38.82
CA GLU A 186 25.36 18.87 -39.98
C GLU A 186 26.21 17.66 -39.63
N THR A 187 26.32 16.71 -40.56
CA THR A 187 27.17 15.55 -40.38
C THR A 187 27.62 15.06 -41.74
N THR A 188 28.90 14.68 -41.83
CA THR A 188 29.49 14.22 -43.08
C THR A 188 30.05 12.81 -42.91
N ARG A 189 30.10 12.07 -44.01
CA ARG A 189 30.67 10.72 -44.04
C ARG A 189 31.38 10.53 -45.37
N HIS A 190 32.69 10.74 -45.37
CA HIS A 190 33.51 10.57 -46.56
C HIS A 190 34.05 9.15 -46.65
N PHE A 191 34.23 8.68 -47.89
CA PHE A 191 34.72 7.34 -48.13
C PHE A 191 36.22 7.27 -47.85
N LEU A 192 36.77 6.05 -47.91
CA LEU A 192 38.19 5.85 -47.64
C LEU A 192 39.07 6.29 -48.79
N MET A 193 38.56 6.26 -50.02
CA MET A 193 39.35 6.58 -51.19
C MET A 193 38.90 7.86 -51.89
N SER A 194 37.61 7.95 -52.23
CA SER A 194 37.13 9.12 -52.96
C SER A 194 37.17 10.36 -52.08
N ASP A 195 37.61 11.48 -52.67
CA ASP A 195 37.69 12.74 -51.95
C ASP A 195 36.31 13.33 -51.66
N ARG A 196 35.30 12.95 -52.44
CA ARG A 196 33.95 13.46 -52.21
C ARG A 196 33.40 12.94 -50.89
N SER A 197 32.63 13.78 -50.19
CA SER A 197 32.11 13.46 -48.88
C SER A 197 30.61 13.61 -48.87
N LEU A 198 29.89 12.54 -48.51
CA LEU A 198 28.46 12.63 -48.33
C LEU A 198 28.13 13.52 -47.13
N HIS A 199 27.15 14.40 -47.31
CA HIS A 199 26.85 15.40 -46.29
C HIS A 199 25.39 15.82 -46.41
N LEU A 200 24.67 15.83 -45.29
CA LEU A 200 23.27 16.22 -45.27
C LEU A 200 23.07 17.39 -44.31
N GLU A 201 22.02 18.16 -44.58
CA GLU A 201 21.60 19.24 -43.71
C GLU A 201 20.15 19.02 -43.32
N ALA A 202 19.84 19.20 -42.04
CA ALA A 202 18.47 19.11 -41.55
C ALA A 202 18.22 20.25 -40.57
N SER A 203 16.97 20.70 -40.52
CA SER A 203 16.62 21.81 -39.65
C SER A 203 15.12 21.83 -39.43
N LEU A 204 14.72 22.10 -38.20
CA LEU A 204 13.33 22.37 -37.86
C LEU A 204 13.03 23.85 -38.05
N ASP A 205 11.80 24.15 -38.47
CA ASP A 205 11.44 25.55 -38.67
C ASP A 205 11.36 26.31 -37.35
N LYS A 206 11.13 25.60 -36.24
CA LYS A 206 11.00 26.24 -34.93
C LYS A 206 11.74 25.42 -33.90
N GLU A 207 12.11 26.09 -32.81
CA GLU A 207 12.73 25.41 -31.67
C GLU A 207 11.68 24.83 -30.74
N LEU A 208 10.48 25.38 -30.72
CA LEU A 208 9.43 24.98 -29.81
C LEU A 208 8.18 24.59 -30.59
N TYR A 209 7.60 23.44 -30.26
CA TYR A 209 6.39 22.96 -30.91
C TYR A 209 5.36 22.61 -29.85
N TYR A 210 4.10 22.92 -30.13
CA TYR A 210 3.02 22.57 -29.24
C TYR A 210 2.60 21.12 -29.47
N HIS A 211 1.83 20.59 -28.53
CA HIS A 211 1.35 19.22 -28.64
C HIS A 211 0.31 19.12 -29.74
N GLY A 212 0.48 18.14 -30.62
CA GLY A 212 -0.37 18.01 -31.79
C GLY A 212 0.05 18.84 -32.97
N GLU A 213 1.09 19.66 -32.83
CA GLU A 213 1.60 20.50 -33.91
C GLU A 213 2.60 19.71 -34.75
N PRO A 214 2.45 19.71 -36.08
CA PRO A 214 3.39 18.97 -36.92
C PRO A 214 4.77 19.63 -36.93
N LEU A 215 5.78 18.79 -37.12
CA LEU A 215 7.17 19.23 -37.21
C LEU A 215 7.61 19.13 -38.67
N ASN A 216 8.06 20.25 -39.22
CA ASN A 216 8.56 20.30 -40.58
C ASN A 216 10.08 20.31 -40.54
N VAL A 217 10.70 19.25 -41.04
CA VAL A 217 12.15 19.14 -41.09
C VAL A 217 12.60 19.37 -42.52
N ASN A 218 13.65 20.17 -42.69
CA ASN A 218 14.17 20.51 -44.01
C ASN A 218 15.45 19.71 -44.23
N VAL A 219 15.29 18.49 -44.71
CA VAL A 219 16.43 17.64 -45.03
C VAL A 219 17.07 18.14 -46.32
N HIS A 220 18.40 18.24 -46.33
CA HIS A 220 19.13 18.78 -47.47
C HIS A 220 20.40 17.95 -47.64
N VAL A 221 20.34 16.98 -48.54
CA VAL A 221 21.42 16.03 -48.76
C VAL A 221 22.24 16.48 -49.97
N THR A 222 23.56 16.50 -49.82
CA THR A 222 24.49 16.81 -50.90
C THR A 222 25.41 15.61 -51.06
N ASN A 223 24.99 14.64 -51.86
CA ASN A 223 25.72 13.39 -52.06
C ASN A 223 26.58 13.54 -53.31
N ASN A 224 27.81 13.97 -53.12
CA ASN A 224 28.76 14.06 -54.22
C ASN A 224 29.63 12.81 -54.36
N SER A 225 29.47 11.84 -53.46
CA SER A 225 30.24 10.61 -53.51
C SER A 225 29.64 9.67 -54.57
N THR A 226 30.14 8.44 -54.62
CA THR A 226 29.67 7.44 -55.56
C THR A 226 28.71 6.44 -54.93
N LYS A 227 28.25 6.70 -53.72
CA LYS A 227 27.31 5.83 -53.02
C LYS A 227 25.91 6.44 -53.08
N THR A 228 24.90 5.56 -53.15
CA THR A 228 23.52 5.96 -53.33
C THR A 228 22.77 5.82 -52.01
N VAL A 229 22.06 6.87 -51.61
CA VAL A 229 21.24 6.84 -50.41
C VAL A 229 19.94 6.11 -50.74
N LYS A 230 19.77 4.92 -50.15
CA LYS A 230 18.61 4.10 -50.48
C LYS A 230 17.32 4.69 -49.88
N LYS A 231 17.37 5.10 -48.61
CA LYS A 231 16.19 5.61 -47.93
C LYS A 231 16.57 6.80 -47.05
N ILE A 232 15.57 7.62 -46.75
CA ILE A 232 15.71 8.73 -45.81
C ILE A 232 14.63 8.55 -44.74
N LYS A 233 15.06 8.33 -43.51
CA LYS A 233 14.16 8.09 -42.38
C LYS A 233 14.16 9.29 -41.45
N VAL A 234 12.97 9.80 -41.13
CA VAL A 234 12.79 10.91 -40.21
C VAL A 234 12.01 10.41 -39.01
N SER A 235 12.57 10.59 -37.82
CA SER A 235 11.98 10.06 -36.60
C SER A 235 12.00 11.11 -35.50
N VAL A 236 11.05 10.99 -34.58
CA VAL A 236 11.02 11.76 -33.35
C VAL A 236 11.22 10.80 -32.19
N ARG A 237 12.14 11.15 -31.29
CA ARG A 237 12.50 10.31 -30.16
C ARG A 237 12.27 11.05 -28.86
N GLN A 238 11.73 10.35 -27.86
CA GLN A 238 11.52 10.90 -26.54
C GLN A 238 12.63 10.40 -25.61
N TYR A 239 13.21 11.29 -24.82
CA TYR A 239 14.36 10.98 -23.98
C TYR A 239 13.98 11.19 -22.52
N ALA A 240 13.45 10.14 -21.89
CA ALA A 240 13.18 10.16 -20.47
C ALA A 240 14.49 9.97 -19.70
N ASP A 241 14.80 10.90 -18.81
CA ASP A 241 16.07 10.91 -18.09
C ASP A 241 15.77 10.75 -16.60
N ILE A 242 15.69 9.50 -16.15
CA ILE A 242 15.40 9.20 -14.76
C ILE A 242 16.67 9.38 -13.93
N VAL A 243 16.59 10.20 -12.89
CA VAL A 243 17.71 10.47 -12.00
C VAL A 243 17.24 10.27 -10.57
N LEU A 244 17.73 9.22 -9.92
CA LEU A 244 17.52 9.00 -8.49
C LEU A 244 18.84 9.07 -7.73
N PHE A 245 19.80 8.23 -8.08
CA PHE A 245 21.17 8.35 -7.61
C PHE A 245 22.20 8.22 -8.72
N SER A 246 21.85 7.58 -9.83
CA SER A 246 22.69 7.51 -11.02
C SER A 246 21.83 7.87 -12.23
N THR A 247 22.37 8.74 -13.09
CA THR A 247 21.61 9.22 -14.23
C THR A 247 21.53 8.13 -15.30
N ALA A 248 20.31 7.83 -15.74
CA ALA A 248 20.07 6.83 -16.78
C ALA A 248 19.12 7.42 -17.82
N GLN A 249 19.58 7.46 -19.07
CA GLN A 249 18.78 8.00 -20.17
C GLN A 249 18.09 6.87 -20.92
N TYR A 250 16.82 7.10 -21.27
CA TYR A 250 16.02 6.12 -22.00
C TYR A 250 15.44 6.78 -23.24
N LYS A 251 15.48 6.06 -24.36
CA LYS A 251 15.02 6.55 -25.64
C LYS A 251 13.79 5.77 -26.08
N VAL A 252 12.75 6.49 -26.51
CA VAL A 252 11.53 5.89 -27.03
C VAL A 252 11.18 6.58 -28.34
N PRO A 253 11.11 5.86 -29.47
CA PRO A 253 10.70 6.49 -30.73
C PRO A 253 9.19 6.72 -30.75
N VAL A 254 8.80 7.98 -30.95
CA VAL A 254 7.39 8.36 -30.84
C VAL A 254 6.74 8.69 -32.19
N ALA A 255 7.53 8.83 -33.25
CA ALA A 255 6.98 9.15 -34.56
C ALA A 255 8.02 8.82 -35.62
N GLN A 256 7.59 8.23 -36.73
CA GLN A 256 8.48 7.85 -37.81
C GLN A 256 7.87 8.25 -39.15
N VAL A 257 8.66 8.94 -39.97
CA VAL A 257 8.30 9.24 -41.36
C VAL A 257 9.43 8.73 -42.24
N GLU A 258 9.12 7.74 -43.07
CA GLU A 258 10.10 7.11 -43.95
C GLU A 258 9.54 7.09 -45.37
N GLN A 259 10.32 7.62 -46.32
CA GLN A 259 9.94 7.62 -47.72
C GLN A 259 11.10 7.14 -48.57
N ASP A 260 10.78 6.51 -49.70
CA ASP A 260 11.78 5.96 -50.60
C ASP A 260 12.18 7.04 -51.61
N ASP A 261 13.11 7.89 -51.19
CA ASP A 261 13.62 8.97 -52.03
C ASP A 261 15.12 8.73 -52.23
N GLN A 262 15.45 7.95 -53.26
CA GLN A 262 16.84 7.66 -53.55
C GLN A 262 17.57 8.91 -54.02
N VAL A 263 18.84 9.03 -53.64
CA VAL A 263 19.69 10.14 -54.05
C VAL A 263 20.82 9.56 -54.91
N SER A 264 20.85 9.97 -56.17
CA SER A 264 21.86 9.47 -57.09
C SER A 264 23.22 10.06 -56.73
N PRO A 265 24.31 9.35 -57.05
CA PRO A 265 25.65 9.90 -56.81
C PRO A 265 25.85 11.21 -57.58
N SER A 266 26.59 12.12 -56.95
CA SER A 266 26.84 13.46 -57.51
C SER A 266 25.53 14.17 -57.84
N SER A 267 24.68 14.30 -56.83
CA SER A 267 23.39 14.97 -57.00
C SER A 267 22.89 15.43 -55.64
N THR A 268 22.41 16.67 -55.58
CA THR A 268 21.90 17.24 -54.34
C THR A 268 20.48 16.76 -54.08
N PHE A 269 19.98 17.05 -52.88
CA PHE A 269 18.62 16.69 -52.50
C PHE A 269 18.09 17.74 -51.53
N SER A 270 16.76 17.88 -51.50
CA SER A 270 16.12 18.85 -50.63
C SER A 270 14.64 18.51 -50.52
N LYS A 271 14.15 18.36 -49.30
CA LYS A 271 12.75 18.05 -49.06
C LYS A 271 12.35 18.62 -47.71
N VAL A 272 11.04 18.78 -47.53
CA VAL A 272 10.47 19.28 -46.28
C VAL A 272 9.53 18.19 -45.77
N TYR A 273 10.06 17.33 -44.89
CA TYR A 273 9.25 16.27 -44.30
C TYR A 273 8.41 16.81 -43.15
N THR A 274 7.22 16.23 -43.00
CA THR A 274 6.30 16.60 -41.94
C THR A 274 6.06 15.39 -41.03
N ILE A 275 6.27 15.57 -39.73
CA ILE A 275 6.12 14.51 -38.75
C ILE A 275 5.48 15.07 -37.50
N THR A 276 4.58 14.30 -36.89
CA THR A 276 3.82 14.75 -35.73
C THR A 276 3.89 13.68 -34.65
N PRO A 277 4.38 14.00 -33.45
CA PRO A 277 4.28 13.05 -32.33
C PRO A 277 2.90 13.11 -31.69
N PHE A 278 2.30 11.93 -31.50
CA PHE A 278 1.00 11.84 -30.85
C PHE A 278 0.85 10.46 -30.23
N LEU A 279 -0.13 10.34 -29.34
CA LEU A 279 -0.26 9.17 -28.48
C LEU A 279 -1.01 8.01 -29.12
N ALA A 280 -1.68 8.23 -30.25
CA ALA A 280 -2.56 7.19 -30.80
C ALA A 280 -1.78 5.93 -31.17
N ASN A 281 -0.59 6.08 -31.75
CA ASN A 281 0.21 4.95 -32.19
C ASN A 281 1.27 4.54 -31.17
N ASN A 282 1.31 5.17 -30.00
CA ASN A 282 2.33 4.89 -29.00
C ASN A 282 1.76 4.30 -27.72
N ARG A 283 0.53 3.78 -27.76
CA ARG A 283 -0.12 3.28 -26.55
C ARG A 283 0.45 1.96 -26.06
N GLU A 284 1.14 1.22 -26.92
CA GLU A 284 1.69 -0.09 -26.55
C GLU A 284 3.14 0.00 -26.08
N LYS A 285 3.73 1.18 -26.04
CA LYS A 285 5.13 1.34 -25.68
C LYS A 285 5.29 1.46 -24.17
N ARG A 286 6.32 0.81 -23.64
CA ARG A 286 6.64 0.87 -22.22
C ARG A 286 7.72 1.90 -21.98
N GLY A 287 7.60 2.63 -20.88
CA GLY A 287 8.53 3.69 -20.56
C GLY A 287 8.29 5.00 -21.27
N LEU A 288 7.24 5.09 -22.08
CA LEU A 288 6.90 6.34 -22.74
C LEU A 288 6.40 7.34 -21.70
N ALA A 289 7.10 8.47 -21.58
CA ALA A 289 6.73 9.47 -20.59
C ALA A 289 5.48 10.21 -21.02
N LEU A 290 4.48 10.24 -20.14
CA LEU A 290 3.25 10.98 -20.35
C LEU A 290 3.11 12.05 -19.28
N ASP A 291 2.30 13.06 -19.58
CA ASP A 291 2.07 14.13 -18.63
C ASP A 291 1.28 13.61 -17.44
N GLY A 292 1.44 14.29 -16.30
CA GLY A 292 0.78 13.89 -15.07
C GLY A 292 -0.72 13.83 -15.18
N LYS A 293 -1.30 12.73 -14.71
CA LYS A 293 -2.75 12.54 -14.70
C LYS A 293 -3.29 12.80 -13.30
N LEU A 294 -4.47 13.42 -13.24
CA LEU A 294 -5.08 13.68 -11.94
C LEU A 294 -5.55 12.38 -11.30
N LYS A 295 -6.50 11.68 -11.93
CA LYS A 295 -6.88 10.35 -11.46
C LYS A 295 -6.60 9.27 -12.49
N HIS A 296 -7.25 9.32 -13.66
CA HIS A 296 -6.99 8.34 -14.69
C HIS A 296 -7.09 8.88 -16.10
N GLU A 297 -7.27 10.19 -16.29
CA GLU A 297 -7.58 10.73 -17.60
C GLU A 297 -6.42 10.53 -18.57
N ASP A 298 -6.73 10.64 -19.85
CA ASP A 298 -5.72 10.50 -20.91
C ASP A 298 -4.97 11.81 -21.06
N THR A 299 -3.71 11.82 -20.65
CA THR A 299 -2.81 12.93 -20.91
C THR A 299 -1.96 12.64 -22.14
N ASN A 300 -1.46 13.70 -22.75
CA ASN A 300 -0.68 13.58 -23.97
C ASN A 300 0.74 13.15 -23.64
N LEU A 301 1.63 13.22 -24.63
CA LEU A 301 3.04 12.97 -24.38
C LEU A 301 3.59 13.99 -23.39
N ALA A 302 4.57 13.56 -22.60
CA ALA A 302 5.13 14.44 -21.58
C ALA A 302 5.78 15.65 -22.24
N SER A 303 5.55 16.82 -21.64
CA SER A 303 6.19 18.03 -22.12
C SER A 303 7.68 17.99 -21.82
N SER A 304 8.46 18.68 -22.64
CA SER A 304 9.90 18.76 -22.42
C SER A 304 10.18 19.52 -21.14
N THR A 305 11.07 18.98 -20.31
CA THR A 305 11.42 19.61 -19.05
C THR A 305 12.42 20.73 -19.30
N ILE A 306 12.00 21.97 -19.02
CA ILE A 306 12.88 23.12 -19.13
C ILE A 306 13.52 23.37 -17.76
N VAL A 307 14.84 23.54 -17.76
CA VAL A 307 15.59 23.70 -16.53
C VAL A 307 16.29 25.05 -16.55
N LYS A 308 16.61 25.54 -15.35
CA LYS A 308 17.25 26.84 -15.22
C LYS A 308 18.69 26.79 -15.71
N GLU A 309 19.23 27.98 -16.02
CA GLU A 309 20.65 28.08 -16.30
C GLU A 309 21.48 27.70 -15.08
N GLY A 310 20.98 28.01 -13.88
CA GLY A 310 21.61 27.58 -12.65
C GLY A 310 21.34 26.12 -12.38
N ALA A 311 21.98 25.25 -13.16
CA ALA A 311 21.74 23.81 -13.15
C ALA A 311 22.77 23.06 -12.35
N ASN A 312 23.17 23.61 -11.19
CA ASN A 312 24.18 22.99 -10.33
C ASN A 312 23.96 21.49 -10.19
N LYS A 313 22.82 21.09 -9.64
CA LYS A 313 22.36 19.71 -9.78
C LYS A 313 21.07 19.64 -10.59
N GLU A 314 19.99 20.28 -10.13
CA GLU A 314 18.79 20.51 -10.91
C GLU A 314 18.13 19.24 -11.43
N VAL A 315 18.67 18.07 -11.09
CA VAL A 315 18.23 16.80 -11.67
C VAL A 315 17.59 15.96 -10.58
N LEU A 316 16.36 15.51 -10.84
CA LEU A 316 15.64 14.61 -9.95
C LEU A 316 14.41 14.12 -10.68
N GLY A 317 13.90 12.98 -10.26
CA GLY A 317 12.73 12.41 -10.91
C GLY A 317 13.03 12.03 -12.35
N ILE A 318 12.17 12.46 -13.26
CA ILE A 318 12.28 12.15 -14.68
C ILE A 318 12.33 13.44 -15.48
N LEU A 319 13.29 13.54 -16.38
CA LEU A 319 13.42 14.67 -17.29
C LEU A 319 13.15 14.20 -18.71
N VAL A 320 12.39 15.00 -19.46
CA VAL A 320 11.91 14.62 -20.79
C VAL A 320 12.52 15.57 -21.81
N SER A 321 13.04 15.00 -22.90
CA SER A 321 13.60 15.77 -24.00
C SER A 321 13.22 15.08 -25.31
N TYR A 322 13.18 15.88 -26.38
CA TYR A 322 12.80 15.40 -27.69
C TYR A 322 13.84 15.81 -28.72
N ARG A 323 14.18 14.88 -29.61
CA ARG A 323 15.10 15.14 -30.71
C ARG A 323 14.56 14.50 -31.98
N VAL A 324 14.75 15.18 -33.10
CA VAL A 324 14.39 14.65 -34.41
C VAL A 324 15.65 14.09 -35.06
N LYS A 325 15.57 12.85 -35.52
CA LYS A 325 16.70 12.18 -36.16
C LYS A 325 16.40 11.97 -37.63
N VAL A 326 17.36 12.33 -38.49
CA VAL A 326 17.25 12.14 -39.93
C VAL A 326 18.37 11.19 -40.33
N LYS A 327 18.03 9.92 -40.54
CA LYS A 327 19.00 8.91 -40.95
C LYS A 327 18.85 8.64 -42.44
N LEU A 328 19.98 8.57 -43.13
CA LEU A 328 20.03 8.16 -44.53
C LEU A 328 20.63 6.76 -44.58
N VAL A 329 19.88 5.81 -45.12
CA VAL A 329 20.35 4.43 -45.24
C VAL A 329 21.10 4.33 -46.57
N VAL A 330 22.43 4.33 -46.48
CA VAL A 330 23.30 4.38 -47.65
C VAL A 330 23.74 2.97 -48.00
N SER A 331 23.85 2.69 -49.29
CA SER A 331 24.36 1.40 -49.74
C SER A 331 25.79 1.20 -49.29
N ARG A 332 26.14 -0.07 -49.02
CA ARG A 332 27.46 -0.45 -48.51
C ARG A 332 27.77 0.28 -47.19
N GLY A 333 26.80 0.27 -46.29
CA GLY A 333 26.99 0.87 -44.98
C GLY A 333 27.13 2.37 -45.04
N GLY A 334 27.85 2.92 -44.06
CA GLY A 334 28.07 4.36 -43.99
C GLY A 334 26.83 5.18 -43.72
N ASP A 335 25.98 4.73 -42.79
CA ASP A 335 24.78 5.49 -42.45
C ASP A 335 25.16 6.76 -41.71
N VAL A 336 24.63 7.89 -42.17
CA VAL A 336 24.92 9.20 -41.58
C VAL A 336 23.61 9.76 -41.05
N SER A 337 23.67 10.33 -39.84
CA SER A 337 22.49 10.78 -39.14
C SER A 337 22.74 12.15 -38.52
N VAL A 338 21.66 12.90 -38.34
CA VAL A 338 21.68 14.20 -37.67
C VAL A 338 20.51 14.24 -36.67
N GLU A 339 20.77 14.77 -35.48
CA GLU A 339 19.77 14.87 -34.43
C GLU A 339 19.41 16.33 -34.21
N LEU A 340 18.11 16.61 -34.15
CA LEU A 340 17.61 17.99 -33.99
C LEU A 340 16.82 18.08 -32.70
N PRO A 341 17.42 18.55 -31.61
CA PRO A 341 16.68 18.66 -30.34
C PRO A 341 15.68 19.79 -30.37
N PHE A 342 14.44 19.49 -30.01
CA PHE A 342 13.38 20.48 -29.92
C PHE A 342 12.64 20.31 -28.61
N VAL A 343 11.98 21.38 -28.20
CA VAL A 343 11.21 21.43 -26.96
C VAL A 343 9.73 21.36 -27.30
N LEU A 344 9.02 20.44 -26.66
CA LEU A 344 7.60 20.17 -26.93
C LEU A 344 6.82 20.49 -25.66
N MET A 345 6.00 21.55 -25.71
CA MET A 345 5.29 22.02 -24.54
C MET A 345 3.90 22.47 -24.94
N HIS A 346 3.17 23.03 -23.97
CA HIS A 346 1.88 23.69 -24.06
C HIS A 346 2.05 25.20 -23.97
N PRO A 347 1.25 25.97 -24.70
CA PRO A 347 1.29 27.43 -24.55
C PRO A 347 0.66 27.85 -23.23
N LYS A 348 1.11 28.99 -22.74
CA LYS A 348 0.55 29.52 -21.49
C LYS A 348 -0.92 29.88 -21.70
N PRO A 349 -1.82 29.37 -20.87
CA PRO A 349 -3.23 29.75 -21.00
C PRO A 349 -3.43 31.23 -20.75
N HIS A 350 -4.35 31.83 -21.49
CA HIS A 350 -4.63 33.26 -21.37
C HIS A 350 -6.11 33.54 -21.52
N ALA A 392 23.88 6.20 -1.54
CA ALA A 392 22.79 5.49 -2.22
C ALA A 392 22.46 4.20 -1.48
N THR A 393 21.19 4.04 -1.12
CA THR A 393 20.77 2.87 -0.37
C THR A 393 20.65 1.66 -1.28
N ASP A 394 20.60 0.48 -0.65
CA ASP A 394 20.40 -0.76 -1.39
C ASP A 394 19.13 -0.73 -2.21
N ASP A 395 18.03 -0.23 -1.65
CA ASP A 395 16.77 -0.16 -2.40
C ASP A 395 16.92 0.72 -3.63
N ASP A 396 17.61 1.87 -3.48
CA ASP A 396 17.81 2.77 -4.60
C ASP A 396 18.65 2.13 -5.71
N ILE A 397 19.77 1.50 -5.34
CA ILE A 397 20.63 0.87 -6.34
C ILE A 397 19.89 -0.26 -7.03
N VAL A 398 19.19 -1.09 -6.26
CA VAL A 398 18.46 -2.22 -6.82
C VAL A 398 17.35 -1.75 -7.75
N PHE A 399 16.64 -0.67 -7.37
CA PHE A 399 15.61 -0.14 -8.24
C PHE A 399 16.19 0.45 -9.52
N GLU A 400 17.37 1.07 -9.42
CA GLU A 400 18.02 1.59 -10.62
C GLU A 400 18.35 0.45 -11.58
N ASP A 401 18.89 -0.64 -11.04
CA ASP A 401 19.18 -1.82 -11.84
C ASP A 401 17.90 -2.34 -12.49
N PHE A 402 16.83 -2.40 -11.71
CA PHE A 402 15.52 -2.83 -12.20
C PHE A 402 15.02 -1.95 -13.33
N ALA A 403 15.12 -0.63 -13.17
CA ALA A 403 14.62 0.32 -14.16
C ALA A 403 15.39 0.19 -15.47
N ARG A 404 16.72 0.08 -15.38
CA ARG A 404 17.52 -0.13 -16.58
C ARG A 404 17.12 -1.44 -17.26
N LEU A 405 16.98 -2.51 -16.49
CA LEU A 405 16.64 -3.82 -17.04
C LEU A 405 15.27 -3.78 -17.72
N ARG A 406 14.33 -3.05 -17.12
CA ARG A 406 12.98 -2.99 -17.67
C ARG A 406 12.92 -2.17 -18.94
N LEU A 407 13.30 -0.89 -18.86
CA LEU A 407 13.01 0.04 -19.94
C LEU A 407 14.28 0.74 -20.44
N LYS A 408 15.38 -0.01 -20.50
CA LYS A 408 16.59 0.51 -21.12
C LYS A 408 17.13 -0.47 -22.16
N VAL B 5 10.74 -30.11 40.77
CA VAL B 5 10.37 -28.73 40.49
C VAL B 5 10.07 -27.99 41.79
N GLN B 6 10.88 -26.98 42.10
CA GLN B 6 10.76 -26.25 43.36
C GLN B 6 11.13 -24.80 43.13
N LEU B 7 10.62 -23.94 44.02
CA LEU B 7 10.92 -22.51 44.03
C LEU B 7 11.39 -22.16 45.44
N VAL B 8 12.67 -22.32 45.71
CA VAL B 8 13.24 -22.00 47.01
C VAL B 8 13.67 -20.55 47.02
N GLU B 9 13.07 -19.76 47.91
CA GLU B 9 13.35 -18.33 48.01
C GLU B 9 13.79 -17.98 49.43
N SER B 10 14.74 -17.06 49.52
CA SER B 10 15.26 -16.62 50.81
C SER B 10 15.79 -15.21 50.68
N GLY B 11 15.87 -14.52 51.81
CA GLY B 11 16.44 -13.18 51.82
C GLY B 11 15.65 -12.15 52.58
N GLY B 12 14.38 -12.46 52.88
CA GLY B 12 13.53 -11.52 53.58
C GLY B 12 13.88 -11.42 55.06
N GLY B 13 13.34 -10.38 55.68
CA GLY B 13 13.57 -10.18 57.10
C GLY B 13 13.16 -8.78 57.50
N LEU B 14 13.49 -8.44 58.75
CA LEU B 14 13.18 -7.12 59.29
C LEU B 14 14.11 -6.08 58.70
N VAL B 15 13.53 -4.98 58.21
CA VAL B 15 14.28 -3.89 57.62
C VAL B 15 13.72 -2.58 58.16
N GLN B 16 14.61 -1.65 58.51
CA GLN B 16 14.16 -0.33 58.93
C GLN B 16 13.48 0.38 57.74
N PRO B 17 12.46 1.19 58.00
CA PRO B 17 11.82 1.92 56.92
C PRO B 17 12.82 2.80 56.17
N GLY B 18 12.71 2.80 54.85
CA GLY B 18 13.69 3.45 54.00
C GLY B 18 14.92 2.62 53.72
N GLY B 19 14.99 1.38 54.22
CA GLY B 19 16.12 0.52 54.01
C GLY B 19 16.05 -0.22 52.69
N SER B 20 16.83 -1.29 52.58
CA SER B 20 16.92 -2.06 51.35
C SER B 20 17.08 -3.54 51.69
N LEU B 21 16.67 -4.38 50.76
CA LEU B 21 16.76 -5.83 50.92
C LEU B 21 16.73 -6.47 49.54
N ARG B 22 17.39 -7.63 49.42
CA ARG B 22 17.41 -8.41 48.20
C ARG B 22 16.83 -9.79 48.48
N LEU B 23 15.94 -10.24 47.60
CA LEU B 23 15.29 -11.54 47.71
C LEU B 23 15.82 -12.44 46.60
N SER B 24 16.38 -13.59 46.98
CA SER B 24 16.90 -14.56 46.04
C SER B 24 15.92 -15.71 45.90
N CYS B 25 15.63 -16.09 44.66
CA CYS B 25 14.65 -17.13 44.35
C CYS B 25 15.35 -18.24 43.59
N ALA B 26 15.75 -19.30 44.28
CA ALA B 26 16.46 -20.40 43.67
C ALA B 26 15.47 -21.33 42.98
N ALA B 27 15.57 -21.44 41.66
CA ALA B 27 14.67 -22.25 40.86
C ALA B 27 15.29 -23.60 40.55
N SER B 28 14.47 -24.65 40.61
CA SER B 28 14.92 -26.00 40.33
C SER B 28 13.85 -26.74 39.56
N GLY B 29 14.29 -27.65 38.71
CA GLY B 29 13.38 -28.48 37.93
C GLY B 29 12.91 -27.86 36.62
N PHE B 30 13.30 -26.61 36.33
CA PHE B 30 12.92 -25.98 35.09
C PHE B 30 13.99 -24.98 34.68
N ASN B 31 13.92 -24.54 33.44
CA ASN B 31 14.95 -23.70 32.85
C ASN B 31 14.54 -22.24 32.88
N VAL B 32 15.53 -21.36 33.03
CA VAL B 32 15.26 -19.94 33.20
C VAL B 32 14.76 -19.30 31.90
N TYR B 33 14.92 -19.96 30.76
CA TYR B 33 14.52 -19.40 29.48
C TYR B 33 13.18 -19.93 28.98
N SER B 34 12.77 -21.11 29.42
CA SER B 34 11.46 -21.64 29.07
C SER B 34 10.37 -21.23 30.07
N SER B 35 10.74 -20.51 31.13
CA SER B 35 9.79 -20.09 32.14
C SER B 35 10.10 -18.64 32.53
N SER B 36 9.04 -17.91 32.89
CA SER B 36 9.18 -16.58 33.45
C SER B 36 8.97 -16.64 34.96
N ILE B 37 9.56 -15.69 35.67
CA ILE B 37 9.56 -15.67 37.13
C ILE B 37 8.93 -14.39 37.61
N HIS B 38 7.98 -14.51 38.53
CA HIS B 38 7.20 -13.38 39.01
C HIS B 38 7.28 -13.31 40.52
N TRP B 39 7.31 -12.08 41.05
CA TRP B 39 7.26 -11.83 42.48
C TRP B 39 5.86 -11.33 42.84
N VAL B 40 5.21 -12.03 43.76
CA VAL B 40 3.86 -11.68 44.20
C VAL B 40 3.87 -11.60 45.72
N ARG B 41 3.39 -10.48 46.26
CA ARG B 41 3.35 -10.25 47.69
C ARG B 41 1.91 -10.26 48.19
N GLN B 42 1.76 -10.61 49.47
CA GLN B 42 0.46 -10.67 50.13
C GLN B 42 0.59 -9.97 51.47
N ALA B 43 0.10 -8.72 51.53
CA ALA B 43 0.17 -7.95 52.76
C ALA B 43 -0.65 -8.62 53.86
N PRO B 44 -0.28 -8.45 55.12
CA PRO B 44 -1.01 -9.11 56.21
C PRO B 44 -2.47 -8.70 56.22
N GLY B 45 -3.36 -9.70 56.15
CA GLY B 45 -4.78 -9.43 56.08
C GLY B 45 -5.24 -8.84 54.77
N LYS B 46 -4.45 -9.00 53.71
CA LYS B 46 -4.76 -8.43 52.40
C LYS B 46 -4.61 -9.52 51.34
N GLY B 47 -5.08 -9.22 50.13
CA GLY B 47 -5.04 -10.18 49.04
C GLY B 47 -3.71 -10.17 48.30
N LEU B 48 -3.65 -11.04 47.30
CA LEU B 48 -2.43 -11.20 46.50
C LEU B 48 -2.19 -9.97 45.64
N GLU B 49 -0.92 -9.59 45.50
CA GLU B 49 -0.52 -8.47 44.67
C GLU B 49 0.76 -8.81 43.93
N TRP B 50 0.80 -8.46 42.64
CA TRP B 50 1.95 -8.71 41.79
C TRP B 50 2.83 -7.48 41.75
N VAL B 51 4.13 -7.66 41.97
CA VAL B 51 5.06 -6.55 42.05
C VAL B 51 6.09 -6.57 40.92
N ALA B 52 6.56 -7.74 40.50
CA ALA B 52 7.61 -7.79 39.51
C ALA B 52 7.52 -9.08 38.70
N SER B 53 8.15 -9.05 37.52
CA SER B 53 8.19 -10.20 36.63
C SER B 53 9.39 -10.04 35.69
N ILE B 54 10.09 -11.14 35.43
CA ILE B 54 11.24 -11.13 34.54
C ILE B 54 11.08 -12.25 33.51
N SER B 55 11.34 -11.91 32.25
CA SER B 55 11.35 -12.88 31.15
C SER B 55 12.77 -12.90 30.59
N SER B 56 13.58 -13.86 31.03
CA SER B 56 14.96 -13.93 30.57
C SER B 56 15.08 -14.37 29.11
N TYR B 57 14.06 -15.04 28.57
CA TYR B 57 14.08 -15.38 27.15
C TYR B 57 14.03 -14.14 26.29
N TYR B 58 13.12 -13.21 26.61
CA TYR B 58 12.99 -11.97 25.86
C TYR B 58 13.79 -10.83 26.47
N GLY B 59 14.36 -11.00 27.65
CA GLY B 59 15.06 -9.93 28.32
C GLY B 59 14.16 -8.79 28.74
N TYR B 60 13.00 -9.09 29.31
CA TYR B 60 12.03 -8.09 29.71
C TYR B 60 11.79 -8.17 31.21
N THR B 61 11.65 -7.00 31.85
CA THR B 61 11.34 -6.90 33.26
C THR B 61 10.16 -5.95 33.43
N TYR B 62 9.17 -6.36 34.20
CA TYR B 62 7.98 -5.55 34.46
C TYR B 62 7.84 -5.31 35.96
N TYR B 63 7.31 -4.15 36.30
CA TYR B 63 7.16 -3.75 37.70
C TYR B 63 5.77 -3.17 37.93
N ALA B 64 5.28 -3.32 39.15
CA ALA B 64 4.05 -2.66 39.54
C ALA B 64 4.26 -1.16 39.65
N ASP B 65 3.17 -0.41 39.58
CA ASP B 65 3.25 1.04 39.67
C ASP B 65 3.74 1.48 41.04
N SER B 66 3.50 0.69 42.07
CA SER B 66 3.93 1.04 43.42
C SER B 66 5.38 0.70 43.70
N VAL B 67 6.03 -0.08 42.84
CA VAL B 67 7.39 -0.53 43.06
C VAL B 67 8.33 -0.17 41.92
N LYS B 68 7.84 0.51 40.88
CA LYS B 68 8.69 0.89 39.77
C LYS B 68 9.73 1.91 40.23
N GLY B 69 10.96 1.71 39.82
CA GLY B 69 12.07 2.56 40.26
C GLY B 69 12.70 2.09 41.55
N ARG B 70 11.87 1.77 42.55
CA ARG B 70 12.37 1.28 43.82
C ARG B 70 12.83 -0.17 43.74
N PHE B 71 12.16 -0.99 42.94
CA PHE B 71 12.44 -2.42 42.86
C PHE B 71 13.10 -2.72 41.51
N THR B 72 14.08 -3.63 41.54
CA THR B 72 14.68 -4.15 40.32
C THR B 72 14.71 -5.67 40.42
N ILE B 73 14.24 -6.34 39.36
CA ILE B 73 14.23 -7.80 39.30
C ILE B 73 15.30 -8.23 38.31
N SER B 74 16.13 -9.17 38.73
CA SER B 74 17.20 -9.71 37.90
C SER B 74 17.16 -11.23 37.94
N ALA B 75 17.94 -11.85 37.07
CA ALA B 75 18.02 -13.30 37.01
C ALA B 75 19.47 -13.73 36.84
N ASP B 76 19.84 -14.81 37.54
CA ASP B 76 21.12 -15.48 37.34
C ASP B 76 20.84 -16.71 36.48
N THR B 77 20.94 -16.53 35.16
CA THR B 77 20.58 -17.59 34.24
C THR B 77 21.48 -18.81 34.42
N SER B 78 22.77 -18.59 34.63
CA SER B 78 23.68 -19.70 34.87
C SER B 78 23.33 -20.44 36.15
N LYS B 79 23.02 -19.71 37.22
CA LYS B 79 22.64 -20.30 38.49
C LYS B 79 21.17 -20.71 38.53
N ASN B 80 20.38 -20.34 37.53
CA ASN B 80 18.94 -20.64 37.50
C ASN B 80 18.23 -20.06 38.72
N THR B 81 18.58 -18.83 39.09
CA THR B 81 17.96 -18.15 40.20
C THR B 81 17.54 -16.75 39.76
N ALA B 82 16.56 -16.19 40.47
CA ALA B 82 16.08 -14.84 40.23
C ALA B 82 16.26 -14.01 41.49
N TYR B 83 16.37 -12.70 41.31
CA TYR B 83 16.61 -11.78 42.41
C TYR B 83 15.62 -10.62 42.33
N LEU B 84 15.27 -10.10 43.50
CA LEU B 84 14.44 -8.89 43.60
C LEU B 84 15.14 -7.93 44.55
N GLN B 85 15.77 -6.89 44.00
CA GLN B 85 16.45 -5.88 44.79
C GLN B 85 15.44 -4.79 45.15
N MET B 86 15.04 -4.77 46.41
CA MET B 86 14.08 -3.79 46.90
C MET B 86 14.82 -2.70 47.66
N ASN B 87 14.70 -1.46 47.19
CA ASN B 87 15.35 -0.32 47.80
C ASN B 87 14.31 0.68 48.28
N SER B 88 14.68 1.43 49.32
CA SER B 88 13.80 2.43 49.95
C SER B 88 12.48 1.77 50.38
N LEU B 89 12.62 0.73 51.20
CA LEU B 89 11.47 -0.02 51.70
C LEU B 89 10.64 0.86 52.61
N ARG B 90 9.46 1.27 52.14
CA ARG B 90 8.55 2.09 52.91
C ARG B 90 7.65 1.21 53.77
N ALA B 91 6.63 1.81 54.39
CA ALA B 91 5.73 1.05 55.24
C ALA B 91 4.86 0.10 54.43
N GLU B 92 4.48 0.50 53.22
CA GLU B 92 3.56 -0.29 52.40
C GLU B 92 4.21 -1.55 51.84
N ASP B 93 5.52 -1.71 51.98
CA ASP B 93 6.23 -2.85 51.40
C ASP B 93 6.23 -4.07 52.29
N THR B 94 5.69 -3.99 53.50
CA THR B 94 5.65 -5.15 54.38
C THR B 94 4.59 -6.14 53.89
N ALA B 95 5.02 -7.38 53.65
CA ALA B 95 4.16 -8.43 53.12
C ALA B 95 4.96 -9.73 53.11
N VAL B 96 4.30 -10.80 52.69
CA VAL B 96 4.96 -12.07 52.44
C VAL B 96 5.12 -12.18 50.93
N TYR B 97 6.37 -12.17 50.47
CA TYR B 97 6.67 -12.14 49.04
C TYR B 97 6.84 -13.56 48.53
N TYR B 98 6.07 -13.91 47.51
CA TYR B 98 6.10 -15.24 46.91
C TYR B 98 6.79 -15.16 45.56
N CYS B 99 7.68 -16.11 45.30
CA CYS B 99 8.29 -16.27 43.99
C CYS B 99 7.44 -17.24 43.19
N ALA B 100 6.76 -16.74 42.17
CA ALA B 100 5.91 -17.56 41.32
C ALA B 100 6.61 -17.84 40.00
N ARG B 101 6.20 -18.92 39.36
CA ARG B 101 6.76 -19.36 38.10
C ARG B 101 5.65 -19.57 37.09
N SER B 102 5.87 -19.12 35.86
CA SER B 102 4.92 -19.32 34.78
C SER B 102 5.69 -19.73 33.53
N ARG B 103 4.99 -20.44 32.65
CA ARG B 103 5.61 -20.84 31.38
C ARG B 103 5.88 -19.63 30.51
N GLN B 104 6.89 -19.76 29.65
CA GLN B 104 7.17 -18.74 28.65
C GLN B 104 6.38 -18.98 27.38
N PHE B 105 6.18 -20.24 27.01
CA PHE B 105 5.43 -20.61 25.81
C PHE B 105 4.42 -21.68 26.23
N TRP B 106 3.25 -21.26 26.71
CA TRP B 106 2.90 -19.86 26.96
C TRP B 106 2.28 -19.71 28.34
N TYR B 107 2.00 -18.47 28.72
CA TYR B 107 1.48 -18.18 30.05
C TYR B 107 0.17 -18.93 30.30
N SER B 108 0.14 -19.70 31.38
CA SER B 108 -1.04 -20.48 31.78
C SER B 108 -1.26 -20.36 33.28
N GLY B 109 -1.04 -19.17 33.84
CA GLY B 109 -1.11 -18.97 35.27
C GLY B 109 0.19 -19.34 35.95
N LEU B 110 0.26 -19.02 37.24
CA LEU B 110 1.45 -19.29 38.05
C LEU B 110 1.31 -20.69 38.63
N ASP B 111 1.79 -21.67 37.86
CA ASP B 111 1.59 -23.06 38.24
C ASP B 111 2.49 -23.50 39.39
N TYR B 112 3.63 -22.83 39.58
CA TYR B 112 4.54 -23.17 40.67
C TYR B 112 4.83 -21.93 41.49
N TRP B 113 4.65 -22.06 42.81
CA TRP B 113 4.91 -20.97 43.75
C TRP B 113 6.04 -21.37 44.69
N GLY B 114 6.59 -20.38 45.38
CA GLY B 114 7.56 -20.65 46.41
C GLY B 114 6.89 -21.01 47.72
N GLN B 115 7.39 -20.46 48.82
CA GLN B 115 6.72 -20.59 50.11
C GLN B 115 6.62 -19.27 50.84
N GLY B 116 7.15 -18.19 50.28
CA GLY B 116 6.99 -16.87 50.87
C GLY B 116 8.06 -16.51 51.87
N THR B 117 8.67 -15.34 51.69
CA THR B 117 9.60 -14.78 52.65
C THR B 117 8.95 -13.53 53.25
N LEU B 118 8.81 -13.53 54.58
CA LEU B 118 8.16 -12.41 55.25
C LEU B 118 9.10 -11.22 55.31
N VAL B 119 8.63 -10.08 54.81
CA VAL B 119 9.38 -8.83 54.83
C VAL B 119 8.60 -7.85 55.68
N THR B 120 9.28 -7.24 56.65
CA THR B 120 8.66 -6.30 57.57
C THR B 120 9.45 -5.00 57.58
N VAL B 121 8.76 -3.91 57.91
CA VAL B 121 9.37 -2.59 57.96
C VAL B 121 8.98 -1.88 59.24
N ASP C 2 -5.46 0.44 35.03
CA ASP C 2 -5.34 -1.01 35.07
C ASP C 2 -6.69 -1.69 34.87
N ILE C 3 -6.80 -2.91 35.36
CA ILE C 3 -8.02 -3.71 35.24
C ILE C 3 -8.37 -4.26 36.62
N GLN C 4 -9.62 -4.09 37.02
CA GLN C 4 -10.08 -4.52 38.34
C GLN C 4 -10.90 -5.80 38.21
N MET C 5 -10.52 -6.82 38.96
CA MET C 5 -11.25 -8.09 39.00
C MET C 5 -12.10 -8.07 40.28
N THR C 6 -13.36 -7.67 40.12
CA THR C 6 -14.26 -7.56 41.26
C THR C 6 -14.78 -8.96 41.60
N GLN C 7 -14.23 -9.55 42.65
CA GLN C 7 -14.61 -10.89 43.07
C GLN C 7 -15.72 -10.82 44.10
N SER C 8 -16.78 -11.58 43.87
CA SER C 8 -17.93 -11.58 44.76
C SER C 8 -18.35 -13.00 45.08
N PRO C 9 -18.69 -13.29 46.34
CA PRO C 9 -18.66 -12.40 47.50
C PRO C 9 -17.27 -12.33 48.13
N SER C 10 -17.07 -11.43 49.10
CA SER C 10 -15.80 -11.39 49.82
C SER C 10 -15.61 -12.63 50.67
N SER C 11 -16.70 -13.24 51.12
CA SER C 11 -16.66 -14.49 51.87
C SER C 11 -18.03 -15.14 51.79
N LEU C 12 -18.06 -16.44 52.05
CA LEU C 12 -19.33 -17.17 52.04
C LEU C 12 -19.21 -18.38 52.96
N SER C 13 -20.32 -18.67 53.64
CA SER C 13 -20.40 -19.81 54.55
C SER C 13 -21.10 -20.96 53.83
N ALA C 14 -20.44 -22.12 53.82
CA ALA C 14 -20.95 -23.27 53.08
C ALA C 14 -20.80 -24.52 53.95
N SER C 15 -21.02 -25.67 53.34
CA SER C 15 -20.92 -26.95 54.04
C SER C 15 -20.58 -28.03 53.01
N VAL C 16 -20.18 -29.19 53.53
CA VAL C 16 -19.79 -30.29 52.66
C VAL C 16 -20.97 -30.70 51.78
N GLY C 17 -20.68 -30.99 50.51
CA GLY C 17 -21.69 -31.38 49.57
C GLY C 17 -22.42 -30.25 48.88
N ASP C 18 -22.27 -29.02 49.38
CA ASP C 18 -22.93 -27.88 48.78
C ASP C 18 -22.22 -27.46 47.49
N ARG C 19 -22.92 -26.66 46.69
CA ARG C 19 -22.35 -26.11 45.46
C ARG C 19 -22.03 -24.64 45.70
N VAL C 20 -20.76 -24.28 45.54
CA VAL C 20 -20.29 -22.91 45.77
C VAL C 20 -19.85 -22.33 44.43
N THR C 21 -20.35 -21.14 44.13
CA THR C 21 -19.98 -20.41 42.92
C THR C 21 -19.34 -19.10 43.34
N ILE C 22 -18.10 -18.88 42.90
CA ILE C 22 -17.37 -17.65 43.16
C ILE C 22 -17.25 -16.89 41.85
N THR C 23 -17.81 -15.69 41.80
CA THR C 23 -17.83 -14.94 40.56
C THR C 23 -16.62 -14.01 40.49
N CYS C 24 -16.39 -13.49 39.28
CA CYS C 24 -15.29 -12.55 39.03
C CYS C 24 -15.67 -11.72 37.83
N ARG C 25 -15.62 -10.40 37.99
CA ARG C 25 -16.00 -9.46 36.93
C ARG C 25 -14.81 -8.57 36.62
N ALA C 26 -14.47 -8.47 35.34
CA ALA C 26 -13.35 -7.66 34.89
C ALA C 26 -13.85 -6.29 34.44
N SER C 27 -13.16 -5.23 34.85
CA SER C 27 -13.53 -3.89 34.43
C SER C 27 -13.41 -3.73 32.93
N GLN C 28 -12.34 -4.24 32.35
CA GLN C 28 -12.13 -4.22 30.91
C GLN C 28 -12.32 -5.63 30.36
N SER C 29 -12.74 -5.71 29.10
CA SER C 29 -13.09 -6.99 28.48
C SER C 29 -11.84 -7.77 28.16
N VAL C 30 -11.30 -8.45 29.18
CA VAL C 30 -10.21 -9.38 28.94
C VAL C 30 -10.73 -10.61 28.22
N SER C 31 -9.81 -11.36 27.62
CA SER C 31 -10.14 -12.61 26.97
C SER C 31 -10.26 -13.72 28.01
N SER C 32 -10.22 -14.97 27.59
CA SER C 32 -10.29 -16.10 28.51
C SER C 32 -9.08 -16.15 29.44
N ALA C 33 -8.17 -15.19 29.34
CA ALA C 33 -6.96 -15.19 30.13
C ALA C 33 -7.23 -14.87 31.60
N VAL C 34 -7.86 -15.81 32.30
CA VAL C 34 -8.20 -15.64 33.71
C VAL C 34 -7.86 -16.95 34.44
N ALA C 35 -7.25 -16.83 35.62
CA ALA C 35 -6.82 -17.98 36.39
C ALA C 35 -7.39 -17.93 37.79
N TRP C 36 -7.53 -19.10 38.41
CA TRP C 36 -8.05 -19.24 39.76
C TRP C 36 -7.04 -19.96 40.63
N TYR C 37 -6.92 -19.50 41.88
CA TYR C 37 -5.97 -20.04 42.84
C TYR C 37 -6.67 -20.39 44.14
N GLN C 38 -6.08 -21.30 44.90
CA GLN C 38 -6.60 -21.72 46.19
C GLN C 38 -5.50 -21.59 47.22
N GLN C 39 -5.61 -20.59 48.11
CA GLN C 39 -4.60 -20.33 49.12
C GLN C 39 -5.17 -20.69 50.50
N LYS C 40 -4.76 -21.85 51.00
CA LYS C 40 -5.04 -22.18 52.39
C LYS C 40 -4.19 -21.31 53.32
N PRO C 41 -4.68 -21.02 54.53
CA PRO C 41 -3.91 -20.16 55.43
C PRO C 41 -2.55 -20.77 55.77
N GLY C 42 -1.54 -19.90 55.82
CA GLY C 42 -0.19 -20.34 56.11
C GLY C 42 0.49 -21.10 55.00
N LYS C 43 -0.03 -21.03 53.77
CA LYS C 43 0.55 -21.75 52.65
C LYS C 43 0.57 -20.84 51.42
N ALA C 44 1.42 -21.22 50.46
CA ALA C 44 1.47 -20.51 49.19
C ALA C 44 0.23 -20.85 48.36
N PRO C 45 -0.14 -19.99 47.41
CA PRO C 45 -1.29 -20.28 46.56
C PRO C 45 -1.08 -21.53 45.73
N LYS C 46 -2.17 -21.94 45.08
CA LYS C 46 -2.17 -23.19 44.31
C LYS C 46 -3.10 -23.01 43.12
N LEU C 47 -2.54 -23.02 41.92
CA LEU C 47 -3.32 -22.81 40.71
C LEU C 47 -4.36 -23.91 40.55
N LEU C 48 -5.61 -23.51 40.26
CA LEU C 48 -6.70 -24.44 40.05
C LEU C 48 -7.16 -24.43 38.61
N ILE C 49 -7.53 -23.26 38.09
CA ILE C 49 -8.06 -23.10 36.74
C ILE C 49 -7.20 -22.10 36.00
N TYR C 50 -6.92 -22.38 34.73
CA TYR C 50 -6.26 -21.43 33.86
C TYR C 50 -7.04 -21.35 32.56
N SER C 51 -6.88 -20.23 31.85
CA SER C 51 -7.67 -19.92 30.67
C SER C 51 -9.17 -19.90 30.96
N ALA C 52 -9.51 -19.72 32.24
CA ALA C 52 -10.87 -19.50 32.73
C ALA C 52 -11.73 -20.76 32.66
N SER C 53 -11.23 -21.80 31.99
CA SER C 53 -11.95 -23.07 31.94
C SER C 53 -11.07 -24.30 32.10
N SER C 54 -9.77 -24.22 31.82
CA SER C 54 -8.91 -25.39 31.80
C SER C 54 -8.50 -25.76 33.22
N LEU C 55 -8.92 -26.93 33.68
CA LEU C 55 -8.54 -27.40 35.00
C LEU C 55 -7.06 -27.76 35.00
N TYR C 56 -6.34 -27.24 36.00
CA TYR C 56 -4.91 -27.53 36.12
C TYR C 56 -4.70 -29.00 36.45
N SER C 57 -3.59 -29.55 35.96
CA SER C 57 -3.30 -30.96 36.14
C SER C 57 -3.17 -31.30 37.61
N GLY C 58 -3.85 -32.37 38.03
CA GLY C 58 -3.84 -32.81 39.40
C GLY C 58 -4.94 -32.25 40.27
N VAL C 59 -5.58 -31.16 39.84
CA VAL C 59 -6.68 -30.58 40.60
C VAL C 59 -7.88 -31.51 40.54
N PRO C 60 -8.59 -31.72 41.65
CA PRO C 60 -9.79 -32.58 41.61
C PRO C 60 -10.84 -32.03 40.65
N SER C 61 -11.60 -32.96 40.06
CA SER C 61 -12.55 -32.61 39.01
C SER C 61 -13.76 -31.83 39.51
N ARG C 62 -13.93 -31.70 40.83
CA ARG C 62 -15.08 -30.95 41.34
C ARG C 62 -14.97 -29.47 40.99
N PHE C 63 -13.75 -28.94 40.88
CA PHE C 63 -13.57 -27.57 40.47
C PHE C 63 -13.78 -27.43 38.97
N SER C 64 -14.46 -26.34 38.57
CA SER C 64 -14.69 -26.07 37.16
C SER C 64 -14.74 -24.56 36.96
N GLY C 65 -14.35 -24.14 35.75
CA GLY C 65 -14.33 -22.73 35.41
C GLY C 65 -15.28 -22.43 34.26
N SER C 66 -15.77 -21.20 34.24
CA SER C 66 -16.69 -20.76 33.19
C SER C 66 -16.48 -19.28 32.95
N ARG C 67 -16.90 -18.83 31.76
CA ARG C 67 -16.84 -17.43 31.39
C ARG C 67 -18.11 -17.04 30.66
N SER C 68 -18.67 -15.89 31.05
CA SER C 68 -19.82 -15.30 30.36
C SER C 68 -19.47 -13.85 30.07
N GLY C 69 -18.81 -13.62 28.94
CA GLY C 69 -18.31 -12.30 28.61
C GLY C 69 -17.13 -11.92 29.46
N THR C 70 -17.31 -10.92 30.32
CA THR C 70 -16.27 -10.51 31.27
C THR C 70 -16.52 -11.03 32.67
N ASP C 71 -17.46 -11.97 32.83
CA ASP C 71 -17.82 -12.52 34.13
C ASP C 71 -17.31 -13.95 34.20
N PHE C 72 -16.48 -14.23 35.20
CA PHE C 72 -15.84 -15.53 35.36
C PHE C 72 -16.30 -16.15 36.67
N THR C 73 -16.57 -17.45 36.65
CA THR C 73 -17.14 -18.15 37.79
C THR C 73 -16.34 -19.41 38.07
N LEU C 74 -16.10 -19.67 39.35
CA LEU C 74 -15.47 -20.89 39.81
C LEU C 74 -16.50 -21.67 40.63
N THR C 75 -16.73 -22.92 40.24
CA THR C 75 -17.74 -23.76 40.87
C THR C 75 -17.12 -25.05 41.37
N ILE C 76 -17.49 -25.45 42.57
CA ILE C 76 -17.13 -26.75 43.14
C ILE C 76 -18.40 -27.59 43.19
N SER C 77 -18.45 -28.64 42.37
CA SER C 77 -19.67 -29.42 42.23
C SER C 77 -20.03 -30.13 43.53
N SER C 78 -19.06 -30.80 44.16
CA SER C 78 -19.27 -31.52 45.41
C SER C 78 -18.22 -31.04 46.40
N LEU C 79 -18.55 -30.02 47.18
CA LEU C 79 -17.60 -29.44 48.11
C LEU C 79 -17.15 -30.47 49.14
N GLN C 80 -15.85 -30.47 49.40
CA GLN C 80 -15.21 -31.36 50.36
C GLN C 80 -14.62 -30.53 51.50
N PRO C 81 -14.36 -31.13 52.66
CA PRO C 81 -13.75 -30.37 53.75
C PRO C 81 -12.37 -29.82 53.42
N GLU C 82 -11.68 -30.39 52.43
CA GLU C 82 -10.39 -29.87 52.02
C GLU C 82 -10.48 -28.59 51.20
N ASP C 83 -11.69 -28.21 50.77
CA ASP C 83 -11.87 -27.06 49.90
C ASP C 83 -12.12 -25.76 50.66
N PHE C 84 -12.24 -25.81 51.98
CA PHE C 84 -12.45 -24.59 52.77
C PHE C 84 -11.15 -23.81 52.80
N ALA C 85 -11.04 -22.80 51.93
CA ALA C 85 -9.84 -21.99 51.82
C ALA C 85 -10.23 -20.65 51.18
N THR C 86 -9.21 -19.88 50.79
CA THR C 86 -9.41 -18.63 50.08
C THR C 86 -9.14 -18.85 48.60
N TYR C 87 -9.97 -18.26 47.75
CA TYR C 87 -9.88 -18.44 46.31
C TYR C 87 -9.70 -17.09 45.65
N TYR C 88 -8.68 -16.97 44.81
CA TYR C 88 -8.31 -15.72 44.17
C TYR C 88 -8.51 -15.82 42.67
N CYS C 89 -8.97 -14.72 42.08
CA CYS C 89 -9.21 -14.63 40.65
C CYS C 89 -8.17 -13.70 40.03
N GLN C 90 -7.42 -14.21 39.06
CA GLN C 90 -6.35 -13.47 38.42
C GLN C 90 -6.59 -13.39 36.92
N GLN C 91 -6.43 -12.21 36.36
CA GLN C 91 -6.35 -12.04 34.91
C GLN C 91 -4.90 -11.83 34.51
N TYR C 92 -4.52 -12.38 33.36
CA TYR C 92 -3.16 -12.22 32.86
C TYR C 92 -3.15 -11.84 31.38
N LYS C 93 -4.21 -11.16 30.92
CA LYS C 93 -4.25 -10.69 29.54
C LYS C 93 -3.36 -9.46 29.34
N TYR C 94 -3.28 -8.60 30.35
CA TYR C 94 -2.51 -7.36 30.24
C TYR C 94 -1.61 -7.21 31.46
N VAL C 95 -0.45 -6.61 31.24
CA VAL C 95 0.44 -6.24 32.34
C VAL C 95 -0.02 -4.89 32.90
N PRO C 96 -0.13 -4.71 34.22
CA PRO C 96 0.14 -5.68 35.30
C PRO C 96 -0.97 -6.72 35.44
N VAL C 97 -0.63 -7.94 35.85
CA VAL C 97 -1.64 -8.95 36.16
C VAL C 97 -2.28 -8.59 37.49
N THR C 98 -3.60 -8.57 37.52
CA THR C 98 -4.35 -8.14 38.69
C THR C 98 -5.13 -9.31 39.29
N PHE C 99 -5.11 -9.40 40.61
CA PHE C 99 -5.79 -10.46 41.33
C PHE C 99 -7.10 -9.93 41.91
N GLY C 100 -8.08 -10.83 42.02
CA GLY C 100 -9.28 -10.51 42.75
C GLY C 100 -9.03 -10.40 44.24
N GLN C 101 -9.93 -9.71 44.92
CA GLN C 101 -9.77 -9.44 46.35
C GLN C 101 -9.87 -10.70 47.21
N GLY C 102 -10.32 -11.82 46.65
CA GLY C 102 -10.36 -13.06 47.38
C GLY C 102 -11.78 -13.40 47.86
N THR C 103 -11.98 -14.69 48.14
CA THR C 103 -13.27 -15.18 48.65
C THR C 103 -12.96 -16.31 49.63
N LYS C 104 -12.99 -15.98 50.92
CA LYS C 104 -12.73 -16.96 51.97
C LYS C 104 -13.97 -17.85 52.13
N VAL C 105 -13.82 -19.13 51.78
CA VAL C 105 -14.90 -20.09 51.95
C VAL C 105 -14.84 -20.64 53.38
N GLU C 106 -15.95 -20.53 54.09
CA GLU C 106 -16.00 -20.87 55.51
C GLU C 106 -17.05 -21.94 55.75
N ILE C 107 -16.81 -22.78 56.76
CA ILE C 107 -17.72 -23.85 57.11
C ILE C 107 -19.04 -23.29 57.64
N VAL D 5 -9.03 29.40 -41.55
CA VAL D 5 -9.65 28.34 -40.77
C VAL D 5 -11.06 28.09 -41.28
N GLN D 6 -11.26 26.93 -41.90
CA GLN D 6 -12.55 26.60 -42.50
C GLN D 6 -12.86 25.13 -42.27
N LEU D 7 -14.15 24.81 -42.35
CA LEU D 7 -14.68 23.47 -42.14
C LEU D 7 -15.61 23.08 -43.29
N VAL D 8 -15.13 23.24 -44.52
CA VAL D 8 -15.94 22.97 -45.70
C VAL D 8 -16.46 21.54 -45.66
N GLU D 9 -17.77 21.38 -45.90
CA GLU D 9 -18.42 20.09 -45.90
C GLU D 9 -18.94 19.76 -47.29
N SER D 10 -19.12 18.47 -47.55
CA SER D 10 -19.65 17.99 -48.81
C SER D 10 -20.02 16.53 -48.66
N GLY D 11 -21.17 16.14 -49.21
CA GLY D 11 -21.55 14.75 -49.21
C GLY D 11 -23.03 14.48 -48.96
N GLY D 12 -23.74 15.45 -48.39
CA GLY D 12 -25.14 15.24 -48.07
C GLY D 12 -26.02 15.25 -49.30
N GLY D 13 -27.22 14.70 -49.13
CA GLY D 13 -28.18 14.66 -50.21
C GLY D 13 -29.33 13.73 -49.87
N LEU D 14 -30.22 13.56 -50.85
CA LEU D 14 -31.37 12.70 -50.70
C LEU D 14 -30.94 11.24 -50.77
N VAL D 15 -31.39 10.43 -49.81
CA VAL D 15 -31.05 9.02 -49.73
C VAL D 15 -32.32 8.24 -49.37
N GLN D 16 -32.54 7.13 -50.05
CA GLN D 16 -33.68 6.28 -49.74
C GLN D 16 -33.56 5.74 -48.33
N PRO D 17 -34.67 5.56 -47.62
CA PRO D 17 -34.61 5.01 -46.26
C PRO D 17 -33.96 3.63 -46.26
N GLY D 18 -33.11 3.40 -45.27
CA GLY D 18 -32.27 2.21 -45.24
C GLY D 18 -31.03 2.28 -46.09
N GLY D 19 -30.79 3.42 -46.76
CA GLY D 19 -29.63 3.58 -47.61
C GLY D 19 -28.40 3.99 -46.83
N SER D 20 -27.41 4.49 -47.57
CA SER D 20 -26.13 4.87 -46.98
C SER D 20 -25.62 6.15 -47.63
N LEU D 21 -24.79 6.88 -46.90
CA LEU D 21 -24.20 8.11 -47.38
C LEU D 21 -22.95 8.40 -46.56
N ARG D 22 -22.00 9.11 -47.18
CA ARG D 22 -20.76 9.50 -46.54
C ARG D 22 -20.60 11.02 -46.61
N LEU D 23 -20.25 11.62 -45.49
CA LEU D 23 -20.06 13.07 -45.38
C LEU D 23 -18.58 13.37 -45.20
N SER D 24 -18.05 14.22 -46.06
CA SER D 24 -16.64 14.61 -46.02
C SER D 24 -16.53 16.02 -45.45
N CYS D 25 -15.62 16.21 -44.49
CA CYS D 25 -15.42 17.48 -43.82
C CYS D 25 -13.99 17.93 -44.10
N ALA D 26 -13.84 18.86 -45.05
CA ALA D 26 -12.51 19.31 -45.48
C ALA D 26 -12.03 20.40 -44.54
N ALA D 27 -11.23 20.01 -43.55
CA ALA D 27 -10.70 20.96 -42.58
C ALA D 27 -9.53 21.74 -43.17
N SER D 28 -9.42 23.00 -42.75
CA SER D 28 -8.33 23.86 -43.21
C SER D 28 -8.00 24.86 -42.10
N GLY D 29 -6.75 25.30 -42.08
CA GLY D 29 -6.29 26.26 -41.11
C GLY D 29 -5.90 25.70 -39.76
N PHE D 30 -6.04 24.39 -39.56
CA PHE D 30 -5.65 23.78 -38.31
C PHE D 30 -5.25 22.33 -38.57
N ASN D 31 -4.59 21.73 -37.58
CA ASN D 31 -4.03 20.40 -37.72
C ASN D 31 -4.97 19.36 -37.13
N VAL D 32 -4.98 18.18 -37.75
CA VAL D 32 -5.90 17.14 -37.37
C VAL D 32 -5.57 16.56 -35.99
N TYR D 33 -4.35 16.78 -35.49
CA TYR D 33 -3.94 16.20 -34.22
C TYR D 33 -4.04 17.17 -33.06
N SER D 34 -4.04 18.47 -33.32
CA SER D 34 -4.23 19.46 -32.27
C SER D 34 -5.69 19.84 -32.10
N SER D 35 -6.59 19.28 -32.90
CA SER D 35 -8.01 19.58 -32.82
C SER D 35 -8.80 18.28 -32.99
N SER D 36 -9.96 18.23 -32.34
CA SER D 36 -10.90 17.14 -32.53
C SER D 36 -12.05 17.62 -33.40
N ILE D 37 -12.68 16.67 -34.09
CA ILE D 37 -13.71 16.97 -35.08
C ILE D 37 -14.99 16.26 -34.68
N HIS D 38 -16.10 17.00 -34.65
CA HIS D 38 -17.37 16.49 -34.18
C HIS D 38 -18.44 16.74 -35.25
N TRP D 39 -19.37 15.80 -35.36
CA TRP D 39 -20.52 15.93 -36.24
C TRP D 39 -21.75 16.23 -35.40
N VAL D 40 -22.44 17.31 -35.73
CA VAL D 40 -23.63 17.76 -35.01
C VAL D 40 -24.73 17.99 -36.03
N ARG D 41 -25.89 17.38 -35.79
CA ARG D 41 -27.03 17.49 -36.69
C ARG D 41 -28.16 18.28 -36.04
N GLN D 42 -28.99 18.88 -36.89
CA GLN D 42 -30.11 19.70 -36.42
C GLN D 42 -31.32 19.40 -37.31
N ALA D 43 -32.22 18.58 -36.80
CA ALA D 43 -33.41 18.21 -37.56
C ALA D 43 -34.30 19.44 -37.77
N PRO D 44 -35.08 19.47 -38.84
CA PRO D 44 -35.95 20.63 -39.10
C PRO D 44 -36.92 20.86 -37.95
N GLY D 45 -36.82 22.06 -37.35
CA GLY D 45 -37.65 22.41 -36.23
C GLY D 45 -37.19 21.87 -34.90
N LYS D 46 -36.05 21.18 -34.85
CA LYS D 46 -35.53 20.61 -33.61
C LYS D 46 -34.17 21.23 -33.34
N GLY D 47 -33.71 21.10 -32.08
CA GLY D 47 -32.47 21.71 -31.66
C GLY D 47 -31.25 20.94 -32.11
N LEU D 48 -30.10 21.36 -31.58
CA LEU D 48 -28.82 20.77 -31.94
C LEU D 48 -28.65 19.41 -31.27
N GLU D 49 -28.01 18.48 -31.99
CA GLU D 49 -27.73 17.16 -31.47
C GLU D 49 -26.37 16.69 -31.96
N TRP D 50 -25.60 16.09 -31.04
CA TRP D 50 -24.27 15.58 -31.35
C TRP D 50 -24.37 14.10 -31.68
N VAL D 51 -23.75 13.70 -32.78
CA VAL D 51 -23.84 12.32 -33.27
C VAL D 51 -22.49 11.61 -33.23
N ALA D 52 -21.39 12.30 -33.52
CA ALA D 52 -20.11 11.65 -33.62
C ALA D 52 -18.99 12.61 -33.28
N SER D 53 -17.82 12.05 -32.94
CA SER D 53 -16.64 12.81 -32.60
C SER D 53 -15.42 11.91 -32.77
N ILE D 54 -14.34 12.47 -33.32
CA ILE D 54 -13.11 11.73 -33.53
C ILE D 54 -11.94 12.53 -32.97
N SER D 55 -11.07 11.86 -32.22
CA SER D 55 -9.84 12.44 -31.69
C SER D 55 -8.67 11.69 -32.32
N SER D 56 -8.10 12.24 -33.39
CA SER D 56 -7.01 11.56 -34.08
C SER D 56 -5.72 11.57 -33.27
N TYR D 57 -5.56 12.50 -32.33
CA TYR D 57 -4.38 12.48 -31.47
C TYR D 57 -4.37 11.25 -30.58
N TYR D 58 -5.52 10.91 -29.99
CA TYR D 58 -5.64 9.74 -29.14
C TYR D 58 -6.14 8.51 -29.86
N GLY D 59 -6.70 8.67 -31.06
CA GLY D 59 -7.29 7.54 -31.76
C GLY D 59 -8.60 7.07 -31.17
N TYR D 60 -9.47 8.01 -30.81
CA TYR D 60 -10.76 7.69 -30.19
C TYR D 60 -11.90 8.21 -31.05
N THR D 61 -12.95 7.39 -31.16
CA THR D 61 -14.17 7.77 -31.86
C THR D 61 -15.36 7.53 -30.94
N TYR D 62 -16.23 8.54 -30.84
CA TYR D 62 -17.41 8.47 -29.99
C TYR D 62 -18.65 8.65 -30.85
N TYR D 63 -19.73 7.97 -30.46
CA TYR D 63 -20.98 8.00 -31.20
C TYR D 63 -22.15 8.20 -30.25
N ALA D 64 -23.20 8.81 -30.77
CA ALA D 64 -24.45 8.92 -30.02
C ALA D 64 -25.12 7.56 -29.94
N ASP D 65 -26.02 7.43 -28.96
CA ASP D 65 -26.73 6.17 -28.80
C ASP D 65 -27.65 5.88 -29.97
N SER D 66 -28.15 6.92 -30.64
CA SER D 66 -29.03 6.75 -31.79
C SER D 66 -28.28 6.41 -33.07
N VAL D 67 -26.95 6.58 -33.10
CA VAL D 67 -26.15 6.32 -34.28
C VAL D 67 -25.05 5.31 -34.03
N LYS D 68 -24.96 4.76 -32.82
CA LYS D 68 -23.94 3.75 -32.53
C LYS D 68 -24.14 2.52 -33.41
N GLY D 69 -23.05 2.04 -34.00
CA GLY D 69 -23.12 0.90 -34.90
C GLY D 69 -23.45 1.27 -36.32
N ARG D 70 -24.44 2.15 -36.50
CA ARG D 70 -24.85 2.55 -37.84
C ARG D 70 -23.86 3.54 -38.44
N PHE D 71 -23.29 4.41 -37.62
CA PHE D 71 -22.41 5.47 -38.09
C PHE D 71 -20.96 5.15 -37.72
N THR D 72 -20.05 5.47 -38.63
CA THR D 72 -18.62 5.39 -38.36
C THR D 72 -17.97 6.70 -38.78
N ILE D 73 -17.17 7.27 -37.88
CA ILE D 73 -16.45 8.50 -38.15
C ILE D 73 -14.97 8.18 -38.33
N SER D 74 -14.38 8.69 -39.40
CA SER D 74 -12.98 8.46 -39.71
C SER D 74 -12.33 9.80 -40.05
N ALA D 75 -11.00 9.77 -40.11
CA ALA D 75 -10.23 10.96 -40.43
C ALA D 75 -9.14 10.62 -41.44
N ASP D 76 -8.92 11.53 -42.38
CA ASP D 76 -7.79 11.45 -43.31
C ASP D 76 -6.76 12.46 -42.82
N THR D 77 -5.85 11.97 -41.95
CA THR D 77 -4.89 12.87 -41.32
C THR D 77 -3.97 13.52 -42.34
N SER D 78 -3.54 12.76 -43.34
CA SER D 78 -2.70 13.34 -44.40
C SER D 78 -3.45 14.41 -45.18
N LYS D 79 -4.72 14.15 -45.50
CA LYS D 79 -5.54 15.12 -46.21
C LYS D 79 -6.17 16.17 -45.31
N ASN D 80 -6.04 16.01 -43.99
CA ASN D 80 -6.64 16.93 -43.02
C ASN D 80 -8.15 17.04 -43.20
N THR D 81 -8.80 15.90 -43.44
CA THR D 81 -10.24 15.84 -43.60
C THR D 81 -10.81 14.74 -42.71
N ALA D 82 -12.09 14.88 -42.38
CA ALA D 82 -12.80 13.89 -41.60
C ALA D 82 -13.99 13.38 -42.39
N TYR D 83 -14.41 12.15 -42.08
CA TYR D 83 -15.51 11.50 -42.78
C TYR D 83 -16.51 10.94 -41.79
N LEU D 84 -17.76 10.90 -42.20
CA LEU D 84 -18.84 10.29 -41.43
C LEU D 84 -19.58 9.33 -42.36
N GLN D 85 -19.34 8.04 -42.21
CA GLN D 85 -20.01 7.03 -43.02
C GLN D 85 -21.31 6.64 -42.31
N MET D 86 -22.43 7.06 -42.88
CA MET D 86 -23.75 6.78 -42.32
C MET D 86 -24.38 5.65 -43.12
N ASN D 87 -24.77 4.58 -42.43
CA ASN D 87 -25.37 3.42 -43.07
C ASN D 87 -26.73 3.15 -42.45
N SER D 88 -27.62 2.53 -43.25
CA SER D 88 -28.98 2.22 -42.83
C SER D 88 -29.71 3.48 -42.37
N LEU D 89 -29.66 4.51 -43.21
CA LEU D 89 -30.29 5.79 -42.90
C LEU D 89 -31.79 5.64 -42.77
N ARG D 90 -32.31 5.82 -41.55
CA ARG D 90 -33.73 5.70 -41.28
C ARG D 90 -34.40 7.07 -41.40
N ALA D 91 -35.65 7.17 -40.97
CA ALA D 91 -36.36 8.44 -41.03
C ALA D 91 -35.80 9.46 -40.03
N GLU D 92 -35.34 8.99 -38.87
CA GLU D 92 -34.85 9.88 -37.83
C GLU D 92 -33.51 10.53 -38.18
N ASP D 93 -32.87 10.11 -39.26
CA ASP D 93 -31.55 10.62 -39.63
C ASP D 93 -31.61 11.86 -40.51
N THR D 94 -32.80 12.31 -40.90
CA THR D 94 -32.90 13.51 -41.72
C THR D 94 -32.66 14.75 -40.85
N ALA D 95 -31.68 15.56 -41.26
CA ALA D 95 -31.25 16.74 -40.51
C ALA D 95 -30.23 17.48 -41.35
N VAL D 96 -29.77 18.62 -40.84
CA VAL D 96 -28.64 19.34 -41.40
C VAL D 96 -27.44 19.03 -40.52
N TYR D 97 -26.46 18.33 -41.08
CA TYR D 97 -25.31 17.86 -40.32
C TYR D 97 -24.19 18.89 -40.40
N TYR D 98 -23.71 19.32 -39.24
CA TYR D 98 -22.66 20.31 -39.14
C TYR D 98 -21.37 19.64 -38.70
N CYS D 99 -20.27 19.98 -39.36
CA CYS D 99 -18.95 19.55 -38.94
C CYS D 99 -18.38 20.62 -38.01
N ALA D 100 -18.29 20.30 -36.72
CA ALA D 100 -17.75 21.20 -35.73
C ALA D 100 -16.31 20.84 -35.41
N ARG D 101 -15.58 21.81 -34.89
CA ARG D 101 -14.18 21.65 -34.54
C ARG D 101 -13.96 22.14 -33.12
N SER D 102 -13.19 21.39 -32.35
CA SER D 102 -12.82 21.77 -30.99
C SER D 102 -11.35 21.50 -30.79
N ARG D 103 -10.75 22.24 -29.86
CA ARG D 103 -9.35 22.03 -29.52
C ARG D 103 -9.15 20.66 -28.86
N GLN D 104 -7.95 20.12 -29.03
CA GLN D 104 -7.57 18.90 -28.33
C GLN D 104 -6.98 19.20 -26.96
N PHE D 105 -6.22 20.29 -26.85
CA PHE D 105 -5.62 20.71 -25.59
C PHE D 105 -5.95 22.19 -25.38
N TRP D 106 -7.12 22.47 -24.80
CA TRP D 106 -8.13 21.49 -24.41
C TRP D 106 -9.50 21.95 -24.87
N TYR D 107 -10.51 21.10 -24.66
CA TYR D 107 -11.86 21.38 -25.14
C TYR D 107 -12.39 22.68 -24.54
N SER D 108 -12.78 23.60 -25.41
CA SER D 108 -13.33 24.89 -25.01
C SER D 108 -14.55 25.23 -25.85
N GLY D 109 -15.38 24.23 -26.12
CA GLY D 109 -16.52 24.39 -27.00
C GLY D 109 -16.15 24.24 -28.47
N LEU D 110 -17.18 24.21 -29.30
CA LEU D 110 -17.00 24.05 -30.75
C LEU D 110 -16.82 25.44 -31.35
N ASP D 111 -15.57 25.91 -31.38
CA ASP D 111 -15.29 27.28 -31.79
C ASP D 111 -15.42 27.47 -33.30
N TYR D 112 -15.26 26.42 -34.09
CA TYR D 112 -15.38 26.53 -35.55
C TYR D 112 -16.39 25.50 -36.03
N TRP D 113 -17.35 25.96 -36.83
CA TRP D 113 -18.37 25.13 -37.42
C TRP D 113 -18.26 25.14 -38.93
N GLY D 114 -18.89 24.17 -39.57
CA GLY D 114 -18.97 24.17 -41.01
C GLY D 114 -20.09 25.06 -41.51
N GLN D 115 -20.82 24.61 -42.53
CA GLN D 115 -22.01 25.31 -42.98
C GLN D 115 -23.22 24.39 -43.08
N GLY D 116 -23.06 23.10 -42.82
CA GLY D 116 -24.17 22.17 -42.82
C GLY D 116 -24.48 21.58 -44.17
N THR D 117 -24.63 20.25 -44.21
CA THR D 117 -25.08 19.54 -45.40
C THR D 117 -26.45 18.93 -45.09
N LEU D 118 -27.43 19.26 -45.92
CA LEU D 118 -28.78 18.77 -45.70
C LEU D 118 -28.86 17.31 -46.12
N VAL D 119 -29.17 16.43 -45.17
CA VAL D 119 -29.36 15.01 -45.41
C VAL D 119 -30.84 14.71 -45.21
N THR D 120 -31.47 14.14 -46.23
CA THR D 120 -32.89 13.84 -46.21
C THR D 120 -33.12 12.39 -46.62
N VAL D 121 -34.24 11.83 -46.16
CA VAL D 121 -34.64 10.49 -46.51
C VAL D 121 -36.08 10.51 -47.00
N SER D 122 -36.44 9.48 -47.75
CA SER D 122 -37.78 9.39 -48.31
C SER D 122 -38.56 8.21 -47.71
N SER E 1 -25.67 7.66 -17.09
CA SER E 1 -26.70 8.10 -18.03
C SER E 1 -26.37 9.46 -18.62
N ASP E 2 -27.16 9.89 -19.60
CA ASP E 2 -26.95 11.19 -20.21
C ASP E 2 -27.38 12.30 -19.24
N ILE E 3 -27.08 13.54 -19.63
CA ILE E 3 -27.32 14.71 -18.80
C ILE E 3 -28.23 15.65 -19.57
N GLN E 4 -29.30 16.09 -18.94
CA GLN E 4 -30.29 16.97 -19.56
C GLN E 4 -29.97 18.41 -19.21
N MET E 5 -29.88 19.25 -20.24
CA MET E 5 -29.66 20.68 -20.06
C MET E 5 -31.01 21.38 -20.30
N THR E 6 -31.81 21.47 -19.24
CA THR E 6 -33.14 22.05 -19.33
C THR E 6 -33.02 23.56 -19.49
N GLN E 7 -33.08 24.02 -20.74
CA GLN E 7 -32.95 25.44 -21.05
C GLN E 7 -34.31 26.11 -20.95
N SER E 8 -34.38 27.20 -20.18
CA SER E 8 -35.63 27.91 -19.99
C SER E 8 -35.41 29.40 -20.18
N PRO E 9 -36.35 30.09 -20.83
CA PRO E 9 -37.58 29.57 -21.46
C PRO E 9 -37.31 29.02 -22.85
N SER E 10 -38.28 28.34 -23.46
CA SER E 10 -38.10 27.88 -24.84
C SER E 10 -38.05 29.04 -25.81
N SER E 11 -38.67 30.17 -25.45
CA SER E 11 -38.63 31.38 -26.27
C SER E 11 -38.98 32.56 -25.39
N LEU E 12 -38.61 33.74 -25.84
CA LEU E 12 -38.93 34.96 -25.11
C LEU E 12 -38.96 36.13 -26.09
N SER E 13 -39.80 37.11 -25.78
CA SER E 13 -39.93 38.32 -26.58
C SER E 13 -39.23 39.47 -25.86
N ALA E 14 -38.37 40.18 -26.58
CA ALA E 14 -37.57 41.24 -25.99
C ALA E 14 -37.56 42.43 -26.94
N SER E 15 -36.71 43.40 -26.65
CA SER E 15 -36.58 44.61 -27.45
C SER E 15 -35.18 45.18 -27.25
N VAL E 16 -34.80 46.09 -28.15
CA VAL E 16 -33.47 46.67 -28.10
C VAL E 16 -33.27 47.39 -26.77
N GLY E 17 -32.09 47.19 -26.18
CA GLY E 17 -31.77 47.80 -24.90
C GLY E 17 -32.22 47.01 -23.68
N ASP E 18 -33.09 46.02 -23.86
CA ASP E 18 -33.55 45.21 -22.74
C ASP E 18 -32.45 44.25 -22.29
N ARG E 19 -32.62 43.72 -21.09
CA ARG E 19 -31.70 42.75 -20.51
C ARG E 19 -32.36 41.37 -20.54
N VAL E 20 -31.75 40.43 -21.24
CA VAL E 20 -32.29 39.09 -21.43
C VAL E 20 -31.39 38.09 -20.71
N THR E 21 -32.00 37.23 -19.91
CA THR E 21 -31.29 36.15 -19.22
C THR E 21 -31.87 34.83 -19.66
N ILE E 22 -31.01 33.95 -20.16
CA ILE E 22 -31.40 32.62 -20.59
C ILE E 22 -30.76 31.62 -19.63
N THR E 23 -31.59 30.82 -18.97
CA THR E 23 -31.08 29.91 -17.95
C THR E 23 -30.83 28.52 -18.54
N CYS E 24 -30.08 27.73 -17.79
CA CYS E 24 -29.76 26.36 -18.20
C CYS E 24 -29.50 25.56 -16.92
N ARG E 25 -30.17 24.42 -16.78
CA ARG E 25 -30.05 23.59 -15.60
C ARG E 25 -29.63 22.19 -16.02
N ALA E 26 -28.60 21.66 -15.39
CA ALA E 26 -28.08 20.34 -15.68
C ALA E 26 -28.65 19.31 -14.72
N SER E 27 -29.08 18.17 -15.26
CA SER E 27 -29.62 17.11 -14.42
C SER E 27 -28.56 16.59 -13.45
N GLN E 28 -27.34 16.38 -13.95
CA GLN E 28 -26.23 15.96 -13.13
C GLN E 28 -25.28 17.13 -12.93
N SER E 29 -24.57 17.11 -11.80
CA SER E 29 -23.72 18.24 -11.40
C SER E 29 -22.46 18.25 -12.27
N VAL E 30 -22.58 18.85 -13.46
CA VAL E 30 -21.41 19.09 -14.27
C VAL E 30 -20.58 20.22 -13.66
N SER E 31 -19.32 20.29 -14.07
CA SER E 31 -18.45 21.38 -13.67
C SER E 31 -18.74 22.60 -14.52
N SER E 32 -17.83 23.57 -14.53
CA SER E 32 -17.99 24.77 -15.35
C SER E 32 -17.99 24.45 -16.84
N ALA E 33 -17.89 23.18 -17.21
CA ALA E 33 -17.80 22.79 -18.61
C ALA E 33 -19.13 22.95 -19.33
N VAL E 34 -19.53 24.20 -19.56
CA VAL E 34 -20.78 24.52 -20.25
C VAL E 34 -20.50 25.64 -21.25
N ALA E 35 -21.06 25.51 -22.45
CA ALA E 35 -20.83 26.46 -23.52
C ALA E 35 -22.16 26.98 -24.06
N TRP E 36 -22.11 28.19 -24.64
CA TRP E 36 -23.28 28.85 -25.21
C TRP E 36 -23.02 29.17 -26.67
N TYR E 37 -24.06 28.97 -27.49
CA TYR E 37 -23.97 29.20 -28.93
C TYR E 37 -25.11 30.09 -29.38
N GLN E 38 -24.90 30.78 -30.50
CA GLN E 38 -25.89 31.66 -31.10
C GLN E 38 -26.09 31.24 -32.55
N GLN E 39 -27.24 30.66 -32.85
CA GLN E 39 -27.55 30.17 -34.20
C GLN E 39 -28.66 31.04 -34.79
N LYS E 40 -28.25 31.95 -35.68
CA LYS E 40 -29.24 32.67 -36.48
C LYS E 40 -29.83 31.72 -37.52
N PRO E 41 -31.07 31.96 -37.94
CA PRO E 41 -31.70 31.05 -38.91
C PRO E 41 -30.93 31.01 -40.22
N GLY E 42 -30.83 29.81 -40.79
CA GLY E 42 -30.10 29.63 -42.03
C GLY E 42 -28.60 29.70 -41.92
N LYS E 43 -28.05 29.64 -40.71
CA LYS E 43 -26.62 29.74 -40.50
C LYS E 43 -26.17 28.69 -39.49
N ALA E 44 -24.88 28.38 -39.53
CA ALA E 44 -24.29 27.48 -38.56
C ALA E 44 -24.18 28.18 -37.20
N PRO E 45 -24.13 27.41 -36.11
CA PRO E 45 -24.00 28.02 -34.79
C PRO E 45 -22.70 28.80 -34.64
N LYS E 46 -22.60 29.52 -33.53
CA LYS E 46 -21.46 30.37 -33.27
C LYS E 46 -21.22 30.40 -31.78
N LEU E 47 -20.05 29.92 -31.35
CA LEU E 47 -19.73 29.86 -29.93
C LEU E 47 -19.67 31.26 -29.33
N LEU E 48 -20.34 31.44 -28.19
CA LEU E 48 -20.34 32.71 -27.48
C LEU E 48 -19.57 32.62 -26.16
N ILE E 49 -19.94 31.68 -25.31
CA ILE E 49 -19.35 31.50 -23.98
C ILE E 49 -18.84 30.08 -23.88
N TYR E 50 -17.66 29.91 -23.28
CA TYR E 50 -17.14 28.60 -22.94
C TYR E 50 -16.67 28.63 -21.49
N SER E 51 -16.61 27.44 -20.89
CA SER E 51 -16.34 27.29 -19.46
C SER E 51 -17.35 28.04 -18.61
N ALA E 52 -18.53 28.30 -19.18
CA ALA E 52 -19.70 28.86 -18.51
C ALA E 52 -19.52 30.33 -18.14
N SER E 53 -18.30 30.85 -18.27
CA SER E 53 -18.05 32.27 -18.00
C SER E 53 -17.12 32.94 -18.99
N SER E 54 -16.26 32.19 -19.69
CA SER E 54 -15.25 32.80 -20.54
C SER E 54 -15.86 33.23 -21.86
N LEU E 55 -15.86 34.53 -22.12
CA LEU E 55 -16.37 35.05 -23.39
C LEU E 55 -15.42 34.65 -24.52
N TYR E 56 -15.98 34.08 -25.59
CA TYR E 56 -15.17 33.69 -26.73
C TYR E 56 -14.59 34.91 -27.42
N SER E 57 -13.40 34.75 -27.99
CA SER E 57 -12.71 35.87 -28.62
C SER E 57 -13.52 36.41 -29.79
N GLY E 58 -13.68 37.73 -29.83
CA GLY E 58 -14.43 38.40 -30.86
C GLY E 58 -15.89 38.63 -30.54
N VAL E 59 -16.44 37.91 -29.57
CA VAL E 59 -17.85 38.09 -29.18
C VAL E 59 -17.98 39.45 -28.48
N PRO E 60 -19.03 40.22 -28.76
CA PRO E 60 -19.21 41.49 -28.06
C PRO E 60 -19.34 41.30 -26.56
N SER E 61 -18.87 42.30 -25.80
CA SER E 61 -18.81 42.21 -24.36
C SER E 61 -20.17 42.24 -23.69
N ARG E 62 -21.24 42.53 -24.44
CA ARG E 62 -22.57 42.55 -23.82
C ARG E 62 -23.03 41.15 -23.41
N PHE E 63 -22.47 40.10 -24.00
CA PHE E 63 -22.77 38.74 -23.56
C PHE E 63 -21.91 38.38 -22.36
N SER E 64 -22.51 37.67 -21.40
CA SER E 64 -21.79 37.24 -20.21
C SER E 64 -22.40 35.94 -19.71
N GLY E 65 -21.56 35.10 -19.15
CA GLY E 65 -21.99 33.82 -18.62
C GLY E 65 -21.75 33.73 -17.12
N SER E 66 -22.59 32.97 -16.43
CA SER E 66 -22.46 32.78 -15.00
C SER E 66 -22.93 31.38 -14.65
N ARG E 67 -22.48 30.90 -13.49
CA ARG E 67 -22.87 29.59 -12.98
C ARG E 67 -23.21 29.70 -11.50
N SER E 68 -24.31 29.07 -11.11
CA SER E 68 -24.72 28.95 -9.71
C SER E 68 -24.99 27.48 -9.45
N GLY E 69 -23.94 26.74 -9.13
CA GLY E 69 -24.06 25.30 -8.96
C GLY E 69 -24.25 24.58 -10.28
N THR E 70 -25.44 24.03 -10.50
CA THR E 70 -25.77 23.37 -11.76
C THR E 70 -26.65 24.23 -12.64
N ASP E 71 -26.81 25.52 -12.32
CA ASP E 71 -27.65 26.44 -13.06
C ASP E 71 -26.77 27.44 -13.77
N PHE E 72 -26.89 27.49 -15.10
CA PHE E 72 -26.06 28.34 -15.94
C PHE E 72 -26.94 29.37 -16.64
N THR E 73 -26.46 30.61 -16.69
CA THR E 73 -27.25 31.72 -17.21
C THR E 73 -26.43 32.49 -18.23
N LEU E 74 -27.07 32.85 -19.34
CA LEU E 74 -26.49 33.71 -20.36
C LEU E 74 -27.24 35.03 -20.35
N THR E 75 -26.51 36.14 -20.20
CA THR E 75 -27.10 37.46 -20.09
C THR E 75 -26.54 38.37 -21.17
N ILE E 76 -27.43 39.15 -21.79
CA ILE E 76 -27.05 40.21 -22.72
C ILE E 76 -27.41 41.53 -22.04
N SER E 77 -26.39 42.26 -21.60
CA SER E 77 -26.62 43.45 -20.79
C SER E 77 -27.38 44.52 -21.57
N SER E 78 -26.97 44.79 -22.80
CA SER E 78 -27.61 45.78 -23.66
C SER E 78 -27.93 45.09 -24.99
N LEU E 79 -29.12 44.52 -25.08
CA LEU E 79 -29.50 43.77 -26.26
C LEU E 79 -29.53 44.66 -27.49
N GLN E 80 -28.97 44.17 -28.59
CA GLN E 80 -28.93 44.83 -29.87
C GLN E 80 -29.82 44.10 -30.87
N PRO E 81 -30.19 44.75 -31.99
CA PRO E 81 -30.98 44.04 -33.00
C PRO E 81 -30.25 42.85 -33.61
N GLU E 82 -28.92 42.82 -33.53
CA GLU E 82 -28.15 41.69 -34.04
C GLU E 82 -28.26 40.45 -33.17
N ASP E 83 -28.80 40.57 -31.95
CA ASP E 83 -28.83 39.47 -31.00
C ASP E 83 -30.12 38.66 -31.07
N PHE E 84 -31.07 39.04 -31.91
CA PHE E 84 -32.31 38.27 -32.05
C PHE E 84 -32.00 36.99 -32.81
N ALA E 85 -31.85 35.89 -32.09
CA ALA E 85 -31.50 34.60 -32.68
C ALA E 85 -31.84 33.51 -31.68
N THR E 86 -31.41 32.30 -31.97
CA THR E 86 -31.58 31.16 -31.07
C THR E 86 -30.28 30.91 -30.32
N TYR E 87 -30.40 30.61 -29.03
CA TYR E 87 -29.26 30.41 -28.16
C TYR E 87 -29.33 29.01 -27.56
N TYR E 88 -28.24 28.27 -27.68
CA TYR E 88 -28.18 26.88 -27.25
C TYR E 88 -27.18 26.73 -26.12
N CYS E 89 -27.52 25.89 -25.16
CA CYS E 89 -26.68 25.61 -23.99
C CYS E 89 -26.13 24.20 -24.11
N GLN E 90 -24.81 24.08 -24.10
CA GLN E 90 -24.14 22.80 -24.24
C GLN E 90 -23.23 22.54 -23.05
N GLN E 91 -23.30 21.32 -22.53
CA GLN E 91 -22.33 20.82 -21.58
C GLN E 91 -21.37 19.88 -22.28
N TYR E 92 -20.10 19.92 -21.90
CA TYR E 92 -19.09 19.05 -22.48
C TYR E 92 -18.22 18.40 -21.41
N LYS E 93 -18.78 18.20 -20.21
CA LYS E 93 -18.05 17.53 -19.15
C LYS E 93 -18.01 16.02 -19.37
N TYR E 94 -19.08 15.45 -19.92
CA TYR E 94 -19.18 14.02 -20.13
C TYR E 94 -19.64 13.72 -21.55
N VAL E 95 -19.13 12.64 -22.11
CA VAL E 95 -19.62 12.14 -23.39
C VAL E 95 -20.87 11.31 -23.14
N PRO E 96 -21.95 11.50 -23.92
CA PRO E 96 -22.11 12.43 -25.04
C PRO E 96 -22.33 13.87 -24.60
N VAL E 97 -21.87 14.84 -25.38
CA VAL E 97 -22.16 16.24 -25.08
C VAL E 97 -23.61 16.52 -25.45
N THR E 98 -24.34 17.14 -24.53
CA THR E 98 -25.76 17.37 -24.70
C THR E 98 -26.03 18.87 -24.82
N PHE E 99 -26.97 19.22 -25.69
CA PHE E 99 -27.36 20.59 -25.93
C PHE E 99 -28.71 20.87 -25.32
N GLY E 100 -28.90 22.11 -24.86
CA GLY E 100 -30.22 22.56 -24.49
C GLY E 100 -31.12 22.69 -25.70
N GLN E 101 -32.43 22.65 -25.44
CA GLN E 101 -33.39 22.65 -26.55
C GLN E 101 -33.41 23.96 -27.31
N GLY E 102 -32.79 25.02 -26.80
CA GLY E 102 -32.74 26.29 -27.49
C GLY E 102 -33.69 27.31 -26.88
N THR E 103 -33.41 28.58 -27.16
CA THR E 103 -34.25 29.69 -26.68
C THR E 103 -34.28 30.74 -27.79
N LYS E 104 -35.33 30.71 -28.60
CA LYS E 104 -35.49 31.68 -29.67
C LYS E 104 -35.83 33.04 -29.10
N VAL E 105 -35.01 34.04 -29.38
CA VAL E 105 -35.23 35.41 -28.93
C VAL E 105 -35.89 36.17 -30.06
N GLU E 106 -37.08 36.72 -29.80
CA GLU E 106 -37.88 37.39 -30.81
C GLU E 106 -38.13 38.84 -30.39
N ILE E 107 -38.21 39.71 -31.39
CA ILE E 107 -38.46 41.13 -31.16
C ILE E 107 -39.79 41.34 -30.45
N GLY F 6 -18.70 -24.66 26.02
CA GLY F 6 -18.04 -23.40 26.28
C GLY F 6 -17.09 -22.97 25.17
N THR F 7 -17.36 -23.46 23.96
CA THR F 7 -16.52 -23.11 22.81
C THR F 7 -16.74 -21.67 22.42
N ARG F 8 -15.65 -20.94 22.20
CA ARG F 8 -15.70 -19.55 21.79
C ARG F 8 -15.07 -19.38 20.41
N VAL F 9 -15.48 -18.33 19.72
CA VAL F 9 -15.11 -18.09 18.34
C VAL F 9 -14.60 -16.67 18.20
N PHE F 10 -13.53 -16.49 17.43
CA PHE F 10 -13.03 -15.16 17.13
C PHE F 10 -13.99 -14.45 16.18
N LYS F 11 -14.15 -13.15 16.37
CA LYS F 11 -15.01 -12.37 15.50
C LYS F 11 -14.42 -10.98 15.30
N LYS F 12 -14.44 -10.51 14.06
CA LYS F 12 -14.03 -9.16 13.70
C LYS F 12 -15.12 -8.55 12.81
N SER F 13 -15.44 -7.29 13.07
CA SER F 13 -16.51 -6.61 12.37
C SER F 13 -15.95 -5.61 11.36
N SER F 14 -16.79 -5.28 10.39
CA SER F 14 -16.43 -4.28 9.40
C SER F 14 -16.36 -2.90 10.06
N PRO F 15 -15.56 -1.98 9.49
CA PRO F 15 -15.53 -0.62 10.06
C PRO F 15 -16.88 0.06 10.09
N ASN F 16 -17.77 -0.23 9.13
CA ASN F 16 -19.14 0.27 9.17
C ASN F 16 -20.08 -0.67 9.92
N GLY F 17 -19.60 -1.84 10.34
CA GLY F 17 -20.39 -2.77 11.12
C GLY F 17 -21.32 -3.64 10.32
N LYS F 18 -21.30 -3.56 9.00
CA LYS F 18 -22.20 -4.34 8.15
C LYS F 18 -21.64 -5.70 7.76
N LEU F 19 -20.41 -6.01 8.17
CA LEU F 19 -19.78 -7.29 7.82
C LEU F 19 -19.04 -7.82 9.04
N THR F 20 -19.13 -9.13 9.26
CA THR F 20 -18.49 -9.77 10.39
C THR F 20 -18.02 -11.17 9.99
N VAL F 21 -16.82 -11.53 10.43
CA VAL F 21 -16.24 -12.85 10.18
C VAL F 21 -16.11 -13.58 11.50
N TYR F 22 -16.42 -14.88 11.50
CA TYR F 22 -16.31 -15.72 12.68
C TYR F 22 -15.39 -16.88 12.36
N LEU F 23 -14.21 -16.92 13.00
CA LEU F 23 -13.27 -18.02 12.87
C LEU F 23 -13.06 -18.66 14.23
N GLY F 24 -13.21 -19.98 14.30
CA GLY F 24 -12.94 -20.69 15.54
C GLY F 24 -11.47 -20.74 15.91
N LYS F 25 -10.58 -20.56 14.93
CA LYS F 25 -9.15 -20.61 15.15
C LYS F 25 -8.49 -19.42 14.49
N ARG F 26 -7.31 -19.06 15.01
CA ARG F 26 -6.39 -18.17 14.32
C ARG F 26 -5.11 -18.86 13.88
N ASP F 27 -4.80 -20.03 14.45
CA ASP F 27 -3.65 -20.83 14.07
C ASP F 27 -4.16 -22.15 13.49
N PHE F 28 -3.58 -22.55 12.37
CA PHE F 28 -3.98 -23.77 11.67
C PHE F 28 -2.76 -24.66 11.52
N VAL F 29 -2.87 -25.89 12.00
CA VAL F 29 -1.71 -26.78 12.15
C VAL F 29 -1.55 -27.61 10.89
N ASP F 30 -0.31 -27.69 10.40
CA ASP F 30 0.04 -28.61 9.32
C ASP F 30 0.41 -29.95 9.92
N HIS F 31 -0.22 -31.02 9.43
CA HIS F 31 0.02 -32.37 9.92
C HIS F 31 0.91 -33.18 8.99
N LEU F 32 1.55 -32.54 8.01
CA LEU F 32 2.49 -33.15 7.08
C LEU F 32 1.78 -34.04 6.07
N ASP F 33 0.46 -34.22 6.24
CA ASP F 33 -0.38 -34.84 5.24
C ASP F 33 -1.67 -34.07 5.01
N LYS F 34 -2.02 -33.17 5.93
CA LYS F 34 -3.18 -32.30 5.80
C LYS F 34 -2.93 -31.07 6.66
N VAL F 35 -3.57 -29.97 6.27
CA VAL F 35 -3.56 -28.74 7.06
C VAL F 35 -4.96 -28.55 7.63
N ASP F 36 -5.04 -27.96 8.80
CA ASP F 36 -6.32 -27.74 9.45
C ASP F 36 -7.21 -26.89 8.55
N PRO F 37 -8.39 -27.37 8.17
CA PRO F 37 -9.22 -26.61 7.23
C PRO F 37 -9.69 -25.30 7.85
N VAL F 38 -9.79 -24.27 7.00
CA VAL F 38 -10.23 -22.96 7.44
C VAL F 38 -11.73 -22.86 7.20
N ASP F 39 -12.50 -23.12 8.25
CA ASP F 39 -13.95 -23.04 8.20
C ASP F 39 -14.41 -21.88 9.08
N GLY F 40 -15.20 -20.98 8.50
CA GLY F 40 -15.66 -19.81 9.21
C GLY F 40 -17.08 -19.47 8.84
N VAL F 41 -17.57 -18.39 9.45
CA VAL F 41 -18.93 -17.91 9.23
C VAL F 41 -18.87 -16.40 8.99
N VAL F 42 -19.61 -15.93 8.00
CA VAL F 42 -19.68 -14.51 7.66
C VAL F 42 -21.11 -14.05 7.84
N LEU F 43 -21.31 -13.02 8.67
CA LEU F 43 -22.61 -12.43 8.90
C LEU F 43 -22.70 -11.14 8.09
N VAL F 44 -23.72 -11.04 7.25
CA VAL F 44 -23.90 -9.91 6.35
C VAL F 44 -25.19 -9.19 6.68
N ASP F 45 -25.33 -7.98 6.15
CA ASP F 45 -26.56 -7.21 6.26
C ASP F 45 -27.22 -7.20 4.89
N PRO F 46 -28.19 -8.08 4.64
CA PRO F 46 -28.72 -8.23 3.27
C PRO F 46 -29.36 -6.98 2.70
N ASP F 47 -29.95 -6.13 3.55
CA ASP F 47 -30.51 -4.88 3.04
C ASP F 47 -29.42 -3.87 2.70
N TYR F 48 -28.30 -3.90 3.42
CA TYR F 48 -27.15 -3.07 3.06
C TYR F 48 -26.60 -3.48 1.69
N LEU F 49 -26.55 -4.79 1.43
CA LEU F 49 -26.16 -5.28 0.11
C LEU F 49 -27.31 -5.04 -0.87
N LYS F 50 -27.17 -4.02 -1.72
CA LYS F 50 -28.20 -3.70 -2.70
C LYS F 50 -28.11 -4.62 -3.92
N ASP F 51 -26.97 -4.61 -4.60
CA ASP F 51 -26.70 -5.53 -5.71
C ASP F 51 -25.28 -6.06 -5.62
N ARG F 52 -24.80 -6.33 -4.41
CA ARG F 52 -23.42 -6.67 -4.16
C ARG F 52 -23.32 -8.06 -3.55
N LYS F 53 -22.21 -8.74 -3.85
CA LYS F 53 -21.92 -10.05 -3.31
C LYS F 53 -20.82 -9.93 -2.24
N VAL F 54 -20.68 -10.98 -1.44
CA VAL F 54 -19.71 -11.02 -0.36
C VAL F 54 -18.71 -12.11 -0.65
N PHE F 55 -17.43 -11.74 -0.77
CA PHE F 55 -16.35 -12.66 -1.06
C PHE F 55 -15.37 -12.68 0.10
N VAL F 56 -14.83 -13.86 0.38
CA VAL F 56 -13.77 -14.04 1.36
C VAL F 56 -12.58 -14.67 0.65
N THR F 57 -11.39 -14.16 0.92
CA THR F 57 -10.17 -14.62 0.27
C THR F 57 -9.20 -15.17 1.29
N LEU F 58 -8.60 -16.31 0.98
CA LEU F 58 -7.51 -16.88 1.75
C LEU F 58 -6.22 -16.61 0.99
N THR F 59 -5.55 -15.53 1.34
CA THR F 59 -4.33 -15.11 0.66
C THR F 59 -3.12 -15.36 1.56
N VAL F 60 -2.09 -16.00 0.99
CA VAL F 60 -0.79 -16.11 1.63
C VAL F 60 0.24 -15.54 0.66
N ALA F 61 1.07 -14.63 1.16
CA ALA F 61 1.98 -13.89 0.30
C ALA F 61 3.33 -13.74 0.97
N PHE F 62 4.38 -13.89 0.16
CA PHE F 62 5.73 -13.53 0.58
C PHE F 62 5.92 -12.04 0.37
N ARG F 63 6.02 -11.29 1.46
CA ARG F 63 6.05 -9.83 1.40
C ARG F 63 7.34 -9.31 2.03
N TYR F 64 7.81 -8.19 1.50
CA TYR F 64 8.88 -7.41 2.09
C TYR F 64 8.38 -5.99 2.30
N GLY F 65 8.52 -5.48 3.51
CA GLY F 65 8.05 -4.16 3.86
C GLY F 65 6.88 -4.21 4.84
N ARG F 66 6.53 -3.04 5.34
CA ARG F 66 5.45 -2.91 6.31
C ARG F 66 4.11 -2.89 5.60
N GLU F 67 3.03 -2.77 6.40
CA GLU F 67 1.68 -2.74 5.87
C GLU F 67 1.14 -1.33 5.68
N ASP F 68 1.93 -0.30 6.01
CA ASP F 68 1.48 1.08 5.89
C ASP F 68 1.73 1.60 4.47
N CYS F 69 1.38 2.86 4.25
CA CYS F 69 1.56 3.49 2.94
C CYS F 69 2.92 4.17 2.81
N ASP F 70 3.39 4.82 3.87
CA ASP F 70 4.71 5.44 3.89
C ASP F 70 5.76 4.32 4.01
N VAL F 71 6.03 3.68 2.87
CA VAL F 71 6.87 2.49 2.81
C VAL F 71 8.11 2.84 1.99
N LEU F 72 8.58 4.07 2.13
CA LEU F 72 9.70 4.62 1.36
C LEU F 72 10.81 3.60 1.14
N GLY F 73 11.14 3.40 -0.12
CA GLY F 73 12.09 2.38 -0.51
C GLY F 73 11.43 1.22 -1.23
N LEU F 74 12.20 0.15 -1.37
CA LEU F 74 11.74 -1.01 -2.13
C LEU F 74 10.66 -1.78 -1.36
N SER F 75 9.82 -2.48 -2.11
CA SER F 75 8.81 -3.36 -1.55
C SER F 75 8.60 -4.52 -2.50
N PHE F 76 8.02 -5.60 -1.99
CA PHE F 76 7.82 -6.79 -2.79
C PHE F 76 6.60 -7.55 -2.29
N ARG F 77 6.02 -8.35 -3.17
CA ARG F 77 4.87 -9.17 -2.83
C ARG F 77 4.79 -10.32 -3.82
N LYS F 78 4.37 -11.49 -3.32
CA LYS F 78 4.22 -12.66 -4.18
C LYS F 78 3.19 -13.57 -3.53
N ASP F 79 2.00 -13.65 -4.13
CA ASP F 79 0.92 -14.49 -3.60
C ASP F 79 1.30 -15.94 -3.80
N LEU F 80 1.70 -16.61 -2.72
CA LEU F 80 2.08 -18.01 -2.80
C LEU F 80 0.88 -18.91 -3.04
N PHE F 81 -0.31 -18.46 -2.62
CA PHE F 81 -1.53 -19.23 -2.82
C PHE F 81 -2.71 -18.28 -2.64
N ILE F 82 -3.66 -18.33 -3.57
CA ILE F 82 -4.85 -17.49 -3.54
C ILE F 82 -6.08 -18.40 -3.62
N ALA F 83 -7.02 -18.18 -2.70
CA ALA F 83 -8.29 -18.89 -2.71
C ALA F 83 -9.41 -17.88 -2.55
N ASN F 84 -10.51 -18.10 -3.26
CA ASN F 84 -11.65 -17.20 -3.24
C ASN F 84 -12.92 -17.99 -2.97
N TYR F 85 -13.80 -17.42 -2.15
CA TYR F 85 -15.06 -18.03 -1.81
C TYR F 85 -16.17 -16.99 -1.85
N GLN F 86 -17.27 -17.31 -2.52
CA GLN F 86 -18.44 -16.45 -2.56
C GLN F 86 -19.36 -16.84 -1.41
N ALA F 87 -19.25 -16.12 -0.30
CA ALA F 87 -20.07 -16.44 0.86
C ALA F 87 -21.54 -16.11 0.62
N PHE F 88 -21.81 -14.92 0.09
CA PHE F 88 -23.17 -14.51 -0.20
C PHE F 88 -23.20 -13.86 -1.59
N PRO F 89 -24.06 -14.33 -2.51
CA PRO F 89 -24.99 -15.47 -2.38
C PRO F 89 -24.26 -16.80 -2.25
N PRO F 90 -24.84 -17.75 -1.51
CA PRO F 90 -24.16 -19.01 -1.25
C PRO F 90 -23.82 -19.75 -2.53
N THR F 91 -22.66 -20.40 -2.54
CA THR F 91 -22.26 -21.20 -3.68
C THR F 91 -23.22 -22.39 -3.84
N PRO F 92 -23.57 -22.76 -5.08
CA PRO F 92 -24.50 -23.88 -5.26
C PRO F 92 -24.03 -25.18 -4.60
N ASN F 93 -22.77 -25.55 -4.79
CA ASN F 93 -22.19 -26.75 -4.18
C ASN F 93 -20.94 -26.37 -3.39
N PRO F 94 -21.05 -26.13 -2.10
CA PRO F 94 -19.89 -25.71 -1.32
C PRO F 94 -19.02 -26.89 -0.95
N PRO F 95 -17.72 -26.68 -0.77
CA PRO F 95 -16.85 -27.79 -0.35
C PRO F 95 -17.08 -28.13 1.12
N ARG F 96 -17.29 -29.42 1.37
CA ARG F 96 -17.52 -30.00 2.70
C ARG F 96 -18.87 -29.55 3.27
N PRO F 97 -19.55 -30.41 4.02
CA PRO F 97 -20.73 -29.95 4.77
C PRO F 97 -20.29 -29.06 5.93
N PRO F 98 -21.16 -28.16 6.38
CA PRO F 98 -20.80 -27.28 7.50
C PRO F 98 -20.40 -28.09 8.73
N THR F 99 -19.32 -27.67 9.37
CA THR F 99 -18.82 -28.36 10.55
C THR F 99 -19.74 -28.09 11.74
N ARG F 100 -19.41 -28.71 12.88
CA ARG F 100 -20.23 -28.56 14.07
C ARG F 100 -20.23 -27.11 14.55
N LEU F 101 -19.05 -26.48 14.58
CA LEU F 101 -18.95 -25.10 15.04
C LEU F 101 -19.62 -24.15 14.07
N GLN F 102 -19.49 -24.40 12.77
CA GLN F 102 -20.17 -23.57 11.78
C GLN F 102 -21.68 -23.70 11.90
N GLU F 103 -22.18 -24.91 12.12
CA GLU F 103 -23.61 -25.10 12.32
C GLU F 103 -24.10 -24.37 13.56
N ARG F 104 -23.33 -24.45 14.65
CA ARG F 104 -23.70 -23.73 15.86
C ARG F 104 -23.70 -22.23 15.65
N LEU F 105 -22.72 -21.71 14.92
CA LEU F 105 -22.68 -20.28 14.63
C LEU F 105 -23.85 -19.86 13.76
N LEU F 106 -24.21 -20.67 12.77
CA LEU F 106 -25.37 -20.36 11.94
C LEU F 106 -26.65 -20.34 12.77
N ARG F 107 -26.79 -21.32 13.67
CA ARG F 107 -27.95 -21.35 14.54
C ARG F 107 -28.01 -20.12 15.45
N LYS F 108 -26.85 -19.71 15.98
CA LYS F 108 -26.82 -18.56 16.87
C LYS F 108 -27.12 -17.25 16.13
N LEU F 109 -26.54 -17.08 14.94
CA LEU F 109 -26.56 -15.79 14.27
C LEU F 109 -27.73 -15.63 13.30
N GLY F 110 -28.44 -16.71 12.97
CA GLY F 110 -29.62 -16.61 12.15
C GLY F 110 -29.35 -16.89 10.68
N GLN F 111 -30.29 -16.42 9.85
CA GLN F 111 -30.25 -16.68 8.42
C GLN F 111 -29.34 -15.73 7.65
N HIS F 112 -28.91 -14.63 8.26
CA HIS F 112 -28.02 -13.68 7.60
C HIS F 112 -26.54 -13.99 7.86
N ALA F 113 -26.23 -15.21 8.26
CA ALA F 113 -24.86 -15.66 8.47
C ALA F 113 -24.61 -16.87 7.58
N HIS F 114 -23.52 -16.83 6.81
CA HIS F 114 -23.24 -17.89 5.85
C HIS F 114 -21.83 -18.42 6.04
N PRO F 115 -21.62 -19.71 5.86
CA PRO F 115 -20.29 -20.29 6.05
C PRO F 115 -19.38 -20.04 4.85
N PHE F 116 -18.09 -20.14 5.10
CA PHE F 116 -17.09 -20.19 4.05
C PHE F 116 -16.07 -21.28 4.38
N PHE F 117 -15.53 -21.90 3.34
CA PHE F 117 -14.63 -23.04 3.49
C PHE F 117 -13.37 -22.80 2.68
N PHE F 118 -12.21 -23.01 3.31
CA PHE F 118 -10.93 -22.89 2.65
C PHE F 118 -10.08 -24.13 2.94
N THR F 119 -9.27 -24.51 1.97
CA THR F 119 -8.33 -25.62 2.10
C THR F 119 -6.94 -25.11 1.79
N ILE F 120 -6.01 -25.32 2.73
CA ILE F 120 -4.63 -24.89 2.56
C ILE F 120 -3.84 -26.06 1.97
N PRO F 121 -3.16 -25.87 0.85
CA PRO F 121 -2.40 -26.97 0.25
C PRO F 121 -1.23 -27.39 1.12
N GLN F 122 -0.78 -28.62 0.89
CA GLN F 122 0.20 -29.24 1.78
C GLN F 122 1.61 -28.67 1.60
N ASN F 123 1.89 -28.01 0.48
CA ASN F 123 3.24 -27.55 0.18
C ASN F 123 3.47 -26.08 0.52
N LEU F 124 2.56 -25.46 1.27
CA LEU F 124 2.72 -24.06 1.61
C LEU F 124 3.68 -23.89 2.78
N PRO F 125 4.33 -22.73 2.90
CA PRO F 125 5.20 -22.47 4.05
C PRO F 125 4.38 -22.18 5.31
N SER F 126 5.08 -22.13 6.43
CA SER F 126 4.51 -21.69 7.69
C SER F 126 4.64 -20.17 7.82
N SER F 127 3.92 -19.62 8.78
CA SER F 127 3.97 -18.18 9.04
C SER F 127 5.29 -17.84 9.73
N VAL F 128 6.18 -17.16 9.00
CA VAL F 128 7.48 -16.80 9.53
C VAL F 128 7.74 -15.32 9.22
N THR F 129 8.68 -14.75 9.95
CA THR F 129 9.03 -13.34 9.79
C THR F 129 10.52 -13.17 10.04
N LEU F 130 11.19 -12.46 9.14
CA LEU F 130 12.60 -12.17 9.28
C LEU F 130 12.74 -10.87 10.08
N GLN F 131 13.62 -10.87 11.06
CA GLN F 131 13.71 -9.73 11.98
C GLN F 131 14.24 -8.51 11.24
N PRO F 132 13.55 -7.37 11.30
CA PRO F 132 14.07 -6.15 10.68
C PRO F 132 15.37 -5.71 11.32
N GLY F 133 16.28 -5.21 10.49
CA GLY F 133 17.54 -4.69 10.97
C GLY F 133 17.37 -3.35 11.66
N PRO F 134 18.37 -2.96 12.46
CA PRO F 134 18.29 -1.64 13.11
C PRO F 134 18.22 -0.49 12.13
N GLU F 135 18.75 -0.66 10.92
CA GLU F 135 18.70 0.38 9.91
C GLU F 135 17.44 0.33 9.06
N ASP F 136 16.83 -0.85 8.93
CA ASP F 136 15.58 -0.96 8.18
C ASP F 136 14.44 -0.31 8.95
N THR F 137 13.62 0.47 8.24
CA THR F 137 12.51 1.19 8.86
C THR F 137 11.29 0.27 8.93
N GLY F 138 11.44 -0.79 9.72
CA GLY F 138 10.37 -1.73 9.96
C GLY F 138 10.15 -2.77 8.88
N LYS F 139 10.87 -2.66 7.77
CA LYS F 139 10.68 -3.62 6.68
C LYS F 139 11.18 -5.00 7.10
N ALA F 140 10.41 -6.03 6.73
CA ALA F 140 10.73 -7.39 7.14
C ALA F 140 10.20 -8.38 6.11
N LEU F 141 11.07 -9.28 5.68
CA LEU F 141 10.62 -10.40 4.86
C LEU F 141 9.80 -11.37 5.71
N GLY F 142 8.73 -11.90 5.12
CA GLY F 142 7.91 -12.83 5.86
C GLY F 142 6.76 -13.42 5.08
N VAL F 143 6.40 -14.65 5.42
CA VAL F 143 5.24 -15.32 4.83
C VAL F 143 4.05 -15.06 5.75
N ASP F 144 2.98 -14.49 5.18
CA ASP F 144 1.82 -14.05 5.96
C ASP F 144 0.56 -14.68 5.40
N PHE F 145 -0.20 -15.35 6.26
CA PHE F 145 -1.53 -15.81 5.91
C PHE F 145 -2.57 -14.79 6.34
N GLU F 146 -3.64 -14.66 5.56
CA GLU F 146 -4.66 -13.68 5.89
C GLU F 146 -5.99 -14.11 5.29
N ILE F 147 -7.07 -13.59 5.89
CA ILE F 147 -8.42 -13.76 5.37
C ILE F 147 -9.08 -12.40 5.34
N ARG F 148 -9.62 -12.03 4.17
CA ARG F 148 -10.30 -10.76 3.99
C ARG F 148 -11.72 -11.01 3.51
N ALA F 149 -12.68 -10.40 4.18
CA ALA F 149 -14.08 -10.45 3.78
C ALA F 149 -14.50 -9.06 3.32
N PHE F 150 -15.06 -8.99 2.12
CA PHE F 150 -15.43 -7.70 1.53
C PHE F 150 -16.68 -7.89 0.69
N VAL F 151 -17.39 -6.79 0.49
CA VAL F 151 -18.57 -6.78 -0.37
C VAL F 151 -18.19 -6.14 -1.70
N ALA F 152 -18.61 -6.77 -2.80
CA ALA F 152 -18.30 -6.26 -4.12
C ALA F 152 -19.25 -6.90 -5.13
N LYS F 153 -19.33 -6.29 -6.31
CA LYS F 153 -20.11 -6.85 -7.40
C LYS F 153 -19.43 -8.04 -8.04
N SER F 154 -18.12 -8.14 -7.93
CA SER F 154 -17.36 -9.26 -8.47
C SER F 154 -15.98 -9.29 -7.80
N LEU F 155 -15.24 -10.36 -8.05
CA LEU F 155 -13.89 -10.46 -7.51
C LEU F 155 -12.98 -9.36 -8.06
N GLU F 156 -13.11 -9.05 -9.34
CA GLU F 156 -12.27 -8.03 -9.96
C GLU F 156 -12.48 -6.65 -9.37
N GLU F 157 -13.64 -6.38 -8.78
CA GLU F 157 -13.90 -5.07 -8.19
C GLU F 157 -12.98 -4.85 -6.99
N LYS F 158 -12.47 -3.62 -6.88
CA LYS F 158 -11.54 -3.30 -5.81
C LYS F 158 -12.24 -3.30 -4.46
N SER F 159 -11.50 -3.73 -3.44
CA SER F 159 -12.03 -3.79 -2.08
C SER F 159 -11.95 -2.41 -1.42
N HIS F 160 -12.94 -2.13 -0.56
CA HIS F 160 -13.04 -0.85 0.13
C HIS F 160 -12.81 -1.04 1.63
N LYS F 161 -12.02 -0.14 2.22
CA LYS F 161 -11.67 -0.27 3.63
C LYS F 161 -12.89 -0.14 4.52
N ARG F 162 -13.83 0.75 4.16
CA ARG F 162 -14.98 1.03 5.03
C ARG F 162 -15.82 -0.21 5.29
N ASN F 163 -15.73 -1.22 4.44
CA ASN F 163 -16.53 -2.43 4.58
C ASN F 163 -15.70 -3.69 4.70
N SER F 164 -14.55 -3.77 4.04
CA SER F 164 -13.73 -4.96 4.12
C SER F 164 -13.15 -5.11 5.53
N VAL F 165 -13.02 -6.35 5.97
CA VAL F 165 -12.44 -6.68 7.26
C VAL F 165 -11.37 -7.75 7.06
N ARG F 166 -10.20 -7.52 7.63
CA ARG F 166 -9.05 -8.40 7.48
C ARG F 166 -8.76 -9.11 8.80
N LEU F 167 -8.48 -10.40 8.72
CA LEU F 167 -8.14 -11.19 9.90
C LEU F 167 -6.92 -12.04 9.57
N VAL F 168 -5.77 -11.71 10.16
CA VAL F 168 -4.55 -12.47 9.94
C VAL F 168 -4.66 -13.82 10.62
N ILE F 169 -4.40 -14.89 9.88
CA ILE F 169 -4.31 -16.22 10.44
C ILE F 169 -2.87 -16.70 10.31
N ARG F 170 -2.58 -17.85 10.92
CA ARG F 170 -1.23 -18.39 10.91
C ARG F 170 -1.28 -19.89 10.63
N LYS F 171 -0.30 -20.35 9.85
CA LYS F 171 -0.06 -21.78 9.68
C LYS F 171 1.13 -22.16 10.55
N VAL F 172 0.94 -23.16 11.41
CA VAL F 172 1.93 -23.51 12.42
C VAL F 172 2.20 -25.01 12.37
N GLN F 173 3.33 -25.41 12.93
CA GLN F 173 3.70 -26.80 13.08
C GLN F 173 4.20 -27.04 14.50
N PHE F 174 4.01 -28.25 14.98
CA PHE F 174 4.42 -28.62 16.33
C PHE F 174 5.30 -29.87 16.27
N ALA F 175 6.02 -30.09 17.37
CA ALA F 175 7.01 -31.15 17.41
C ALA F 175 6.36 -32.51 17.17
N PRO F 176 6.90 -33.33 16.26
CA PRO F 176 6.36 -34.67 16.05
C PRO F 176 6.47 -35.50 17.33
N GLU F 177 5.47 -36.37 17.52
CA GLU F 177 5.45 -37.22 18.72
C GLU F 177 6.63 -38.18 18.72
N LYS F 178 6.96 -38.76 17.58
CA LYS F 178 8.07 -39.71 17.51
C LYS F 178 9.39 -38.97 17.66
N PRO F 179 10.33 -39.51 18.43
CA PRO F 179 11.66 -38.89 18.54
C PRO F 179 12.49 -39.16 17.29
N GLY F 180 13.55 -38.37 17.16
CA GLY F 180 14.45 -38.49 16.03
C GLY F 180 15.77 -39.13 16.41
N PRO F 181 16.60 -39.42 15.42
CA PRO F 181 17.92 -40.01 15.71
C PRO F 181 18.83 -38.98 16.38
N GLN F 182 19.61 -39.46 17.34
CA GLN F 182 20.49 -38.57 18.09
C GLN F 182 21.55 -37.98 17.16
N PRO F 183 21.74 -36.66 17.19
CA PRO F 183 22.80 -36.07 16.36
C PRO F 183 24.18 -36.57 16.76
N SER F 184 25.04 -36.70 15.75
CA SER F 184 26.41 -37.15 15.97
C SER F 184 27.25 -36.75 14.76
N ALA F 185 28.41 -36.15 15.00
CA ALA F 185 29.27 -35.68 13.93
C ALA F 185 30.72 -35.93 14.30
N GLU F 186 31.51 -36.35 13.31
CA GLU F 186 32.94 -36.60 13.48
C GLU F 186 33.70 -35.94 12.34
N THR F 187 34.87 -35.39 12.66
CA THR F 187 35.74 -34.79 11.65
C THR F 187 37.18 -34.88 12.12
N THR F 188 38.06 -35.37 11.26
CA THR F 188 39.47 -35.52 11.55
C THR F 188 40.29 -34.51 10.74
N ARG F 189 41.46 -34.18 11.26
CA ARG F 189 42.36 -33.26 10.57
C ARG F 189 43.79 -33.59 10.99
N HIS F 190 44.55 -34.22 10.10
CA HIS F 190 45.92 -34.60 10.36
C HIS F 190 46.88 -33.63 9.69
N PHE F 191 48.09 -33.53 10.25
CA PHE F 191 49.10 -32.62 9.73
C PHE F 191 49.71 -33.19 8.44
N LEU F 192 50.68 -32.45 7.90
CA LEU F 192 51.28 -32.86 6.63
C LEU F 192 52.24 -34.02 6.82
N MET F 193 52.96 -34.06 7.94
CA MET F 193 53.98 -35.07 8.17
C MET F 193 53.66 -36.05 9.29
N SER F 194 53.10 -35.59 10.40
CA SER F 194 52.83 -36.46 11.53
C SER F 194 51.66 -37.39 11.21
N ASP F 195 51.84 -38.69 11.50
CA ASP F 195 50.79 -39.66 11.26
C ASP F 195 49.59 -39.48 12.19
N ARG F 196 49.79 -38.85 13.34
CA ARG F 196 48.69 -38.62 14.27
C ARG F 196 47.70 -37.63 13.66
N SER F 197 46.42 -37.84 13.95
CA SER F 197 45.34 -37.05 13.37
C SER F 197 44.48 -36.46 14.48
N LEU F 198 44.33 -35.14 14.47
CA LEU F 198 43.40 -34.48 15.39
C LEU F 198 41.96 -34.87 15.01
N HIS F 199 41.17 -35.20 16.02
CA HIS F 199 39.83 -35.72 15.78
C HIS F 199 38.93 -35.39 16.96
N LEU F 200 37.77 -34.79 16.68
CA LEU F 200 36.77 -34.53 17.71
C LEU F 200 35.45 -35.14 17.27
N GLU F 201 34.65 -35.54 18.25
CA GLU F 201 33.28 -35.99 18.02
C GLU F 201 32.37 -35.25 18.99
N ALA F 202 31.34 -34.61 18.44
CA ALA F 202 30.34 -33.90 19.22
C ALA F 202 28.97 -34.51 18.97
N SER F 203 28.08 -34.38 19.95
CA SER F 203 26.75 -34.97 19.82
C SER F 203 25.78 -34.23 20.73
N LEU F 204 24.56 -34.06 20.25
CA LEU F 204 23.46 -33.54 21.06
C LEU F 204 22.75 -34.70 21.74
N ASP F 205 22.20 -34.44 22.92
CA ASP F 205 21.55 -35.56 23.65
C ASP F 205 20.22 -35.89 22.96
N LYS F 206 19.64 -34.91 22.25
CA LYS F 206 18.36 -35.12 21.60
C LYS F 206 18.39 -34.56 20.19
N GLU F 207 17.47 -35.06 19.35
CA GLU F 207 17.30 -34.53 18.01
C GLU F 207 16.33 -33.36 17.98
N LEU F 208 15.41 -33.27 18.93
CA LEU F 208 14.40 -32.23 18.97
C LEU F 208 14.50 -31.49 20.30
N TYR F 209 14.49 -30.16 20.23
CA TYR F 209 14.54 -29.32 21.41
C TYR F 209 13.41 -28.29 21.34
N TYR F 210 12.80 -28.03 22.48
CA TYR F 210 11.75 -27.02 22.53
C TYR F 210 12.36 -25.62 22.69
N HIS F 211 11.54 -24.61 22.43
CA HIS F 211 12.00 -23.23 22.58
C HIS F 211 12.26 -22.93 24.06
N GLY F 212 13.42 -22.33 24.33
CA GLY F 212 13.84 -22.08 25.68
C GLY F 212 14.52 -23.25 26.37
N GLU F 213 14.61 -24.40 25.71
CA GLU F 213 15.24 -25.59 26.27
C GLU F 213 16.73 -25.57 25.98
N PRO F 214 17.59 -25.78 26.99
CA PRO F 214 19.03 -25.78 26.74
C PRO F 214 19.48 -26.96 25.92
N LEU F 215 20.53 -26.76 25.14
CA LEU F 215 21.12 -27.79 24.31
C LEU F 215 22.43 -28.24 24.94
N ASN F 216 22.52 -29.53 25.26
CA ASN F 216 23.72 -30.12 25.84
C ASN F 216 24.49 -30.84 24.74
N VAL F 217 25.69 -30.34 24.42
CA VAL F 217 26.54 -30.93 23.40
C VAL F 217 27.69 -31.65 24.09
N ASN F 218 27.99 -32.86 23.63
CA ASN F 218 29.03 -33.70 24.21
C ASN F 218 30.23 -33.67 23.27
N VAL F 219 31.07 -32.65 23.43
CA VAL F 219 32.30 -32.54 22.64
C VAL F 219 33.33 -33.49 23.21
N HIS F 220 34.05 -34.19 22.33
CA HIS F 220 35.05 -35.17 22.75
C HIS F 220 36.21 -35.09 21.78
N VAL F 221 37.29 -34.43 22.19
CA VAL F 221 38.46 -34.22 21.35
C VAL F 221 39.52 -35.26 21.70
N THR F 222 40.06 -35.90 20.67
CA THR F 222 41.14 -36.87 20.81
C THR F 222 42.32 -36.34 20.00
N ASN F 223 43.12 -35.48 20.62
CA ASN F 223 44.24 -34.82 19.96
C ASN F 223 45.51 -35.61 20.24
N ASN F 224 45.88 -36.49 19.32
CA ASN F 224 47.14 -37.23 19.41
C ASN F 224 48.26 -36.56 18.63
N SER F 225 47.98 -35.44 17.95
CA SER F 225 49.00 -34.73 17.19
C SER F 225 49.85 -33.87 18.13
N THR F 226 50.75 -33.08 17.56
CA THR F 226 51.62 -32.20 18.33
C THR F 226 51.12 -30.77 18.37
N LYS F 227 49.92 -30.52 17.87
CA LYS F 227 49.31 -29.19 17.89
C LYS F 227 48.36 -29.06 19.06
N THR F 228 48.28 -27.85 19.61
CA THR F 228 47.50 -27.58 20.82
C THR F 228 46.25 -26.81 20.45
N VAL F 229 45.11 -27.26 20.95
CA VAL F 229 43.83 -26.58 20.72
C VAL F 229 43.76 -25.38 21.67
N LYS F 230 43.56 -24.19 21.10
CA LYS F 230 43.54 -22.98 21.91
C LYS F 230 42.24 -22.83 22.68
N LYS F 231 41.11 -22.88 21.97
CA LYS F 231 39.80 -22.74 22.57
C LYS F 231 38.83 -23.73 21.93
N ILE F 232 37.67 -23.88 22.55
CA ILE F 232 36.58 -24.68 22.00
C ILE F 232 35.34 -23.79 21.95
N LYS F 233 34.86 -23.52 20.74
CA LYS F 233 33.72 -22.63 20.54
C LYS F 233 32.51 -23.46 20.14
N VAL F 234 31.41 -23.30 20.87
CA VAL F 234 30.15 -23.98 20.60
C VAL F 234 29.13 -22.92 20.22
N SER F 235 28.52 -23.08 19.06
CA SER F 235 27.60 -22.08 18.52
C SER F 235 26.34 -22.74 18.01
N VAL F 236 25.24 -22.00 18.07
CA VAL F 236 23.98 -22.37 17.44
C VAL F 236 23.70 -21.37 16.34
N ARG F 237 23.37 -21.86 15.15
CA ARG F 237 23.13 -21.00 14.00
C ARG F 237 21.79 -21.34 13.37
N GLN F 238 21.09 -20.31 12.91
CA GLN F 238 19.80 -20.44 12.26
C GLN F 238 19.97 -20.29 10.76
N TYR F 239 19.35 -21.19 10.00
CA TYR F 239 19.51 -21.25 8.55
C TYR F 239 18.17 -20.96 7.89
N ALA F 240 17.94 -19.70 7.54
CA ALA F 240 16.76 -19.32 6.78
C ALA F 240 17.02 -19.59 5.29
N ASP F 241 16.12 -20.32 4.66
CA ASP F 241 16.27 -20.74 3.27
C ASP F 241 15.13 -20.14 2.45
N ILE F 242 15.34 -18.93 1.95
CA ILE F 242 14.34 -18.25 1.14
C ILE F 242 14.35 -18.83 -0.26
N VAL F 243 13.20 -19.29 -0.72
CA VAL F 243 13.06 -19.92 -2.03
C VAL F 243 11.87 -19.28 -2.73
N LEU F 244 12.14 -18.31 -3.61
CA LEU F 244 11.13 -17.77 -4.51
C LEU F 244 11.29 -18.35 -5.92
N PHE F 245 12.45 -18.12 -6.53
CA PHE F 245 12.85 -18.81 -7.74
C PHE F 245 14.27 -19.33 -7.70
N SER F 246 15.14 -18.77 -6.85
CA SER F 246 16.48 -19.28 -6.61
C SER F 246 16.68 -19.37 -5.10
N THR F 247 17.15 -20.51 -4.63
CA THR F 247 17.28 -20.74 -3.19
C THR F 247 18.49 -19.97 -2.65
N ALA F 248 18.24 -19.08 -1.70
CA ALA F 248 19.29 -18.32 -1.04
C ALA F 248 19.30 -18.68 0.44
N GLN F 249 20.39 -19.30 0.89
CA GLN F 249 20.54 -19.73 2.27
C GLN F 249 21.24 -18.63 3.07
N TYR F 250 20.66 -18.30 4.22
CA TYR F 250 21.21 -17.30 5.13
C TYR F 250 21.44 -17.93 6.48
N LYS F 251 22.63 -17.73 7.04
CA LYS F 251 23.01 -18.27 8.33
C LYS F 251 23.18 -17.14 9.33
N VAL F 252 22.47 -17.24 10.46
CA VAL F 252 22.54 -16.25 11.52
C VAL F 252 22.95 -16.96 12.81
N PRO F 253 24.05 -16.56 13.45
CA PRO F 253 24.44 -17.19 14.73
C PRO F 253 23.53 -16.69 15.85
N VAL F 254 22.83 -17.62 16.49
CA VAL F 254 21.82 -17.28 17.49
C VAL F 254 22.26 -17.53 18.92
N ALA F 255 23.37 -18.25 19.12
CA ALA F 255 23.85 -18.54 20.46
C ALA F 255 25.31 -18.96 20.38
N GLN F 256 26.14 -18.44 21.27
CA GLN F 256 27.56 -18.76 21.29
C GLN F 256 27.99 -19.10 22.71
N VAL F 257 28.64 -20.26 22.86
CA VAL F 257 29.27 -20.64 24.12
C VAL F 257 30.74 -20.89 23.83
N GLU F 258 31.61 -20.05 24.39
CA GLU F 258 33.04 -20.13 24.15
C GLU F 258 33.76 -20.18 25.49
N GLN F 259 34.57 -21.23 25.68
CA GLN F 259 35.34 -21.41 26.89
C GLN F 259 36.78 -21.71 26.53
N ASP F 260 37.70 -21.21 27.37
CA ASP F 260 39.14 -21.37 27.14
C ASP F 260 39.61 -22.64 27.84
N ASP F 261 39.47 -23.76 27.14
CA ASP F 261 39.89 -25.07 27.65
C ASP F 261 40.89 -25.65 26.66
N GLN F 262 42.17 -25.38 26.90
CA GLN F 262 43.22 -25.88 26.02
C GLN F 262 43.33 -27.40 26.11
N VAL F 263 43.70 -28.02 25.00
CA VAL F 263 43.91 -29.46 24.92
C VAL F 263 45.38 -29.69 24.60
N SER F 264 46.09 -30.35 25.52
CA SER F 264 47.50 -30.61 25.32
C SER F 264 47.70 -31.67 24.23
N PRO F 265 48.85 -31.64 23.54
CA PRO F 265 49.14 -32.68 22.56
C PRO F 265 49.19 -34.06 23.21
N SER F 266 48.73 -35.06 22.47
CA SER F 266 48.65 -36.43 22.95
C SER F 266 47.84 -36.52 24.24
N SER F 267 46.61 -36.00 24.20
CA SER F 267 45.74 -36.00 25.36
C SER F 267 44.29 -35.84 24.89
N THR F 268 43.42 -36.70 25.39
CA THR F 268 42.01 -36.65 25.04
C THR F 268 41.29 -35.53 25.79
N PHE F 269 40.05 -35.28 25.39
CA PHE F 269 39.22 -34.27 26.02
C PHE F 269 37.77 -34.75 26.03
N SER F 270 37.00 -34.21 26.97
CA SER F 270 35.60 -34.58 27.12
C SER F 270 34.90 -33.55 27.98
N LYS F 271 33.81 -32.99 27.47
CA LYS F 271 33.03 -32.01 28.22
C LYS F 271 31.59 -32.03 27.71
N VAL F 272 30.70 -31.46 28.52
CA VAL F 272 29.29 -31.35 28.17
C VAL F 272 28.93 -29.87 28.24
N TYR F 273 28.99 -29.20 27.09
CA TYR F 273 28.64 -27.79 27.02
C TYR F 273 27.13 -27.61 26.96
N THR F 274 26.66 -26.52 27.55
CA THR F 274 25.24 -26.17 27.56
C THR F 274 25.05 -24.83 26.88
N ILE F 275 24.14 -24.79 25.90
CA ILE F 275 23.88 -23.58 25.13
C ILE F 275 22.39 -23.50 24.84
N THR F 276 21.83 -22.29 24.91
CA THR F 276 20.40 -22.08 24.74
C THR F 276 20.18 -20.97 23.72
N PRO F 277 19.43 -21.22 22.64
CA PRO F 277 19.04 -20.12 21.75
C PRO F 277 17.83 -19.38 22.30
N PHE F 278 17.92 -18.05 22.34
CA PHE F 278 16.82 -17.22 22.80
C PHE F 278 16.95 -15.83 22.19
N LEU F 279 15.87 -15.07 22.25
CA LEU F 279 15.75 -13.81 21.53
C LEU F 279 16.35 -12.61 22.25
N ALA F 280 16.68 -12.74 23.54
CA ALA F 280 17.10 -11.57 24.30
C ALA F 280 18.36 -10.94 23.72
N ASN F 281 19.33 -11.75 23.34
CA ASN F 281 20.60 -11.26 22.82
C ASN F 281 20.64 -11.17 21.29
N ASN F 282 19.54 -11.50 20.61
CA ASN F 282 19.52 -11.53 19.15
C ASN F 282 18.60 -10.46 18.57
N ARG F 283 18.25 -9.44 19.36
CA ARG F 283 17.27 -8.44 18.94
C ARG F 283 17.84 -7.42 17.95
N GLU F 284 19.16 -7.35 17.80
CA GLU F 284 19.79 -6.40 16.90
C GLU F 284 20.21 -7.03 15.57
N LYS F 285 19.86 -8.29 15.34
CA LYS F 285 20.30 -9.04 14.17
C LYS F 285 19.29 -8.91 13.04
N ARG F 286 19.77 -8.59 11.85
CA ARG F 286 18.94 -8.54 10.65
C ARG F 286 18.91 -9.91 9.99
N GLY F 287 17.73 -10.30 9.51
CA GLY F 287 17.57 -11.59 8.88
C GLY F 287 17.39 -12.74 9.85
N LEU F 288 17.11 -12.46 11.12
CA LEU F 288 16.80 -13.51 12.08
C LEU F 288 15.34 -13.92 11.91
N ALA F 289 15.11 -15.19 11.60
CA ALA F 289 13.76 -15.68 11.35
C ALA F 289 13.02 -15.82 12.68
N LEU F 290 11.87 -15.17 12.79
CA LEU F 290 11.00 -15.27 13.94
C LEU F 290 9.69 -15.93 13.53
N ASP F 291 8.94 -16.40 14.51
CA ASP F 291 7.67 -17.05 14.23
C ASP F 291 6.63 -16.04 13.78
N GLY F 292 5.56 -16.56 13.18
CA GLY F 292 4.53 -15.68 12.65
C GLY F 292 3.87 -14.87 13.75
N LYS F 293 3.51 -13.63 13.42
CA LYS F 293 2.90 -12.70 14.35
C LYS F 293 1.52 -12.33 13.85
N LEU F 294 0.51 -12.48 14.71
CA LEU F 294 -0.83 -12.01 14.37
C LEU F 294 -0.89 -10.49 14.39
N LYS F 295 -0.03 -9.86 15.18
CA LYS F 295 0.03 -8.40 15.33
C LYS F 295 1.48 -8.04 15.64
N HIS F 296 1.69 -6.89 16.26
CA HIS F 296 3.03 -6.45 16.62
C HIS F 296 3.53 -7.07 17.94
N GLU F 297 2.92 -8.17 18.38
CA GLU F 297 3.35 -8.83 19.60
C GLU F 297 4.73 -9.46 19.42
N ASP F 298 5.24 -10.05 20.49
CA ASP F 298 6.57 -10.65 20.50
C ASP F 298 6.47 -12.17 20.37
N THR F 299 7.13 -12.70 19.35
CA THR F 299 7.27 -14.14 19.16
C THR F 299 8.72 -14.55 19.34
N ASN F 300 8.94 -15.85 19.43
CA ASN F 300 10.25 -16.39 19.70
C ASN F 300 10.97 -16.70 18.37
N LEU F 301 12.12 -17.35 18.46
CA LEU F 301 12.84 -17.78 17.27
C LEU F 301 11.96 -18.73 16.46
N ALA F 302 12.04 -18.61 15.14
CA ALA F 302 11.20 -19.42 14.27
C ALA F 302 11.47 -20.90 14.46
N SER F 303 10.41 -21.69 14.50
CA SER F 303 10.54 -23.12 14.61
C SER F 303 11.14 -23.70 13.34
N SER F 304 11.83 -24.84 13.48
CA SER F 304 12.41 -25.50 12.31
C SER F 304 11.30 -26.00 11.40
N THR F 305 11.43 -25.69 10.10
CA THR F 305 10.44 -26.10 9.12
C THR F 305 10.57 -27.60 8.87
N ILE F 306 9.49 -28.33 9.07
CA ILE F 306 9.45 -29.77 8.85
C ILE F 306 8.82 -30.02 7.48
N VAL F 307 9.51 -30.77 6.64
CA VAL F 307 9.04 -31.09 5.31
C VAL F 307 8.79 -32.59 5.22
N LYS F 308 7.83 -32.97 4.37
CA LYS F 308 7.46 -34.37 4.24
C LYS F 308 8.57 -35.16 3.56
N GLU F 309 8.52 -36.48 3.76
CA GLU F 309 9.52 -37.36 3.15
C GLU F 309 9.44 -37.32 1.63
N GLY F 310 8.23 -37.23 1.08
CA GLY F 310 8.10 -37.10 -0.36
C GLY F 310 8.81 -35.86 -0.87
N ALA F 311 9.60 -36.03 -1.93
CA ALA F 311 10.43 -34.95 -2.46
C ALA F 311 9.59 -33.78 -2.94
N ASN F 312 8.78 -34.00 -3.98
CA ASN F 312 8.01 -32.94 -4.63
C ASN F 312 8.87 -31.70 -4.82
N LYS F 313 8.29 -30.52 -4.57
CA LYS F 313 9.08 -29.30 -4.43
C LYS F 313 9.02 -28.76 -3.01
N GLU F 314 7.83 -28.46 -2.50
CA GLU F 314 7.60 -28.10 -1.10
C GLU F 314 8.44 -26.91 -0.64
N VAL F 315 9.14 -26.26 -1.57
CA VAL F 315 10.07 -25.19 -1.23
C VAL F 315 9.45 -23.88 -1.67
N LEU F 316 9.17 -23.02 -0.70
CA LEU F 316 8.62 -21.69 -0.96
C LEU F 316 8.73 -20.89 0.32
N GLY F 317 8.67 -19.57 0.18
CA GLY F 317 8.79 -18.72 1.35
C GLY F 317 10.14 -18.88 2.02
N ILE F 318 10.13 -19.10 3.34
CA ILE F 318 11.34 -19.25 4.12
C ILE F 318 11.29 -20.60 4.83
N LEU F 319 12.38 -21.36 4.73
CA LEU F 319 12.56 -22.60 5.47
C LEU F 319 13.64 -22.39 6.52
N VAL F 320 13.37 -22.84 7.75
CA VAL F 320 14.23 -22.58 8.90
C VAL F 320 14.84 -23.89 9.36
N SER F 321 16.14 -23.88 9.60
CA SER F 321 16.86 -25.03 10.13
C SER F 321 17.89 -24.54 11.14
N TYR F 322 18.25 -25.43 12.07
CA TYR F 322 19.22 -25.12 13.11
C TYR F 322 20.30 -26.19 13.16
N ARG F 323 21.54 -25.75 13.31
CA ARG F 323 22.69 -26.64 13.46
C ARG F 323 23.59 -26.11 14.56
N VAL F 324 24.15 -27.02 15.36
CA VAL F 324 25.13 -26.67 16.38
C VAL F 324 26.52 -26.90 15.79
N LYS F 325 27.38 -25.89 15.88
CA LYS F 325 28.74 -25.96 15.39
C LYS F 325 29.72 -25.98 16.54
N VAL F 326 30.64 -26.93 16.52
CA VAL F 326 31.69 -27.04 17.52
C VAL F 326 33.01 -26.85 16.79
N LYS F 327 33.56 -25.64 16.83
CA LYS F 327 34.80 -25.32 16.15
C LYS F 327 35.95 -25.32 17.14
N LEU F 328 37.06 -25.95 16.74
CA LEU F 328 38.29 -25.95 17.52
C LEU F 328 39.29 -25.03 16.84
N VAL F 329 39.76 -24.03 17.57
CA VAL F 329 40.81 -23.14 17.06
C VAL F 329 42.16 -23.69 17.51
N VAL F 330 43.02 -24.00 16.55
CA VAL F 330 44.26 -24.71 16.80
C VAL F 330 45.43 -23.82 16.41
N SER F 331 46.55 -23.98 17.11
CA SER F 331 47.77 -23.27 16.78
C SER F 331 48.24 -23.64 15.38
N ARG F 332 48.81 -22.66 14.69
CA ARG F 332 49.24 -22.82 13.29
C ARG F 332 48.08 -23.25 12.40
N GLY F 333 46.93 -22.60 12.57
CA GLY F 333 45.78 -22.86 11.73
C GLY F 333 45.21 -24.26 11.96
N GLY F 334 44.65 -24.82 10.89
CA GLY F 334 44.08 -26.15 10.95
C GLY F 334 42.84 -26.27 11.82
N ASP F 335 41.92 -25.32 11.72
CA ASP F 335 40.68 -25.40 12.48
C ASP F 335 39.80 -26.53 11.97
N VAL F 336 39.23 -27.28 12.91
CA VAL F 336 38.35 -28.41 12.59
C VAL F 336 37.01 -28.19 13.29
N SER F 337 35.93 -28.42 12.55
CA SER F 337 34.59 -28.12 13.04
C SER F 337 33.65 -29.26 12.71
N VAL F 338 32.59 -29.37 13.51
CA VAL F 338 31.52 -30.35 13.31
C VAL F 338 30.19 -29.64 13.46
N GLU F 339 29.24 -29.96 12.58
CA GLU F 339 27.91 -29.38 12.62
C GLU F 339 26.90 -30.45 13.00
N LEU F 340 26.02 -30.12 13.97
CA LEU F 340 25.00 -31.05 14.44
C LEU F 340 23.62 -30.46 14.19
N PRO F 341 22.94 -30.88 13.12
CA PRO F 341 21.61 -30.33 12.83
C PRO F 341 20.57 -30.84 13.81
N PHE F 342 19.83 -29.91 14.41
CA PHE F 342 18.73 -30.24 15.31
C PHE F 342 17.49 -29.47 14.89
N VAL F 343 16.35 -29.97 15.33
CA VAL F 343 15.05 -29.38 15.04
C VAL F 343 14.53 -28.70 16.30
N LEU F 344 14.18 -27.43 16.18
CA LEU F 344 13.71 -26.60 17.29
C LEU F 344 12.25 -26.26 17.04
N MET F 345 11.37 -26.71 17.94
CA MET F 345 9.94 -26.60 17.71
C MET F 345 9.24 -26.34 19.04
N HIS F 346 7.90 -26.36 19.00
CA HIS F 346 7.00 -26.30 20.13
C HIS F 346 6.33 -27.64 20.34
N PRO F 347 6.09 -28.05 21.59
CA PRO F 347 5.33 -29.27 21.82
C PRO F 347 3.87 -29.09 21.42
N LYS F 348 3.26 -30.20 21.01
CA LYS F 348 1.86 -30.17 20.61
C LYS F 348 0.98 -29.79 21.80
N PRO F 349 0.16 -28.74 21.69
CA PRO F 349 -0.64 -28.31 22.84
C PRO F 349 -1.70 -29.34 23.20
N HIS F 350 -2.06 -29.35 24.48
CA HIS F 350 -3.09 -30.25 24.98
C HIS F 350 -4.48 -29.73 24.68
N ALA F 392 9.96 -16.34 -13.51
CA ALA F 392 11.24 -15.64 -13.47
C ALA F 392 11.07 -14.19 -13.91
N THR F 393 10.08 -13.53 -13.32
CA THR F 393 9.77 -12.14 -13.65
C THR F 393 10.90 -11.23 -13.16
N ASP F 394 11.08 -10.11 -13.87
CA ASP F 394 12.15 -9.16 -13.58
C ASP F 394 12.08 -8.69 -12.12
N ASP F 395 10.87 -8.39 -11.65
CA ASP F 395 10.72 -7.94 -10.26
C ASP F 395 11.20 -9.02 -9.29
N ASP F 396 10.84 -10.26 -9.56
CA ASP F 396 11.25 -11.36 -8.70
C ASP F 396 12.77 -11.53 -8.68
N ILE F 397 13.39 -11.60 -9.85
CA ILE F 397 14.85 -11.80 -9.94
C ILE F 397 15.57 -10.64 -9.27
N VAL F 398 15.13 -9.42 -9.54
CA VAL F 398 15.70 -8.24 -8.88
C VAL F 398 15.51 -8.34 -7.37
N PHE F 399 14.43 -8.98 -6.92
CA PHE F 399 14.24 -9.12 -5.48
C PHE F 399 15.19 -10.14 -4.87
N GLU F 400 15.48 -11.24 -5.58
CA GLU F 400 16.51 -12.12 -5.04
C GLU F 400 17.85 -11.40 -4.98
N ASP F 401 18.15 -10.59 -6.00
CA ASP F 401 19.37 -9.80 -5.97
C ASP F 401 19.41 -8.94 -4.70
N PHE F 402 18.30 -8.22 -4.44
CA PHE F 402 18.18 -7.38 -3.26
C PHE F 402 18.31 -8.17 -1.97
N ALA F 403 17.70 -9.35 -1.91
CA ALA F 403 17.72 -10.17 -0.71
C ALA F 403 19.14 -10.66 -0.40
N ARG F 404 19.87 -11.10 -1.42
CA ARG F 404 21.25 -11.49 -1.23
C ARG F 404 22.08 -10.29 -0.77
N LEU F 405 21.87 -9.13 -1.40
CA LEU F 405 22.60 -7.93 -1.01
C LEU F 405 22.34 -7.57 0.45
N ARG F 406 21.09 -7.71 0.89
CA ARG F 406 20.68 -7.35 2.23
C ARG F 406 21.22 -8.32 3.28
N LEU F 407 20.98 -9.62 3.09
CA LEU F 407 21.31 -10.59 4.12
C LEU F 407 22.62 -11.32 3.86
N LYS F 408 22.77 -11.90 2.67
CA LYS F 408 23.92 -12.74 2.39
C LYS F 408 25.21 -11.93 2.30
N SER G 5 -26.69 8.74 2.83
CA SER G 5 -26.88 7.64 1.89
C SER G 5 -25.60 7.35 1.12
N LYS G 6 -24.91 8.42 0.72
CA LYS G 6 -23.67 8.29 -0.04
C LYS G 6 -22.57 7.66 0.80
N PHE G 8 -20.16 5.80 -0.60
CA PHE G 8 -18.97 5.70 -1.43
C PHE G 8 -17.96 6.77 -1.04
N PRO G 10 -15.89 9.95 -1.08
CA PRO G 10 -16.10 11.31 -1.58
C PRO G 10 -15.11 11.71 -2.67
N ASP G 14 -16.46 21.15 -6.62
CA ASP G 14 -16.12 22.56 -6.50
C ASP G 14 -17.23 23.32 -5.77
N THR G 17 -16.69 30.51 -4.29
CA THR G 17 -16.09 31.30 -3.22
C THR G 17 -16.88 32.58 -3.01
N ARG G 18 -18.04 32.46 -2.38
CA ARG G 18 -18.92 33.59 -2.17
C ARG G 18 -19.77 33.34 -0.93
N LYS G 19 -20.30 34.44 -0.39
CA LYS G 19 -21.15 34.40 0.80
C LYS G 19 -20.45 33.73 1.98
N SER H 5 -20.42 4.97 19.80
CA SER H 5 -19.69 6.25 19.58
C SER H 5 -18.25 5.95 19.13
N LYS H 6 -17.82 4.69 19.26
CA LYS H 6 -16.43 4.33 18.92
C LYS H 6 -16.23 4.52 17.41
N PHE H 8 -12.88 4.33 16.06
CA PHE H 8 -11.63 3.66 15.71
C PHE H 8 -11.89 2.39 14.92
N PRO H 10 -12.30 -1.32 14.18
CA PRO H 10 -12.71 -2.50 14.95
C PRO H 10 -11.60 -3.53 15.09
N ASP H 14 -13.98 -11.75 20.72
CA ASP H 14 -14.51 -13.10 20.71
C ASP H 14 -15.94 -13.11 21.22
N THR H 17 -20.06 -19.30 21.39
CA THR H 17 -20.83 -20.00 20.38
C THR H 17 -22.01 -20.67 21.05
N ARG H 18 -23.03 -19.87 21.39
CA ARG H 18 -24.17 -20.36 22.13
C ARG H 18 -25.37 -19.46 21.84
N LYS H 19 -26.56 -20.01 22.10
CA LYS H 19 -27.82 -19.30 21.89
C LYS H 19 -27.98 -18.80 20.46
#